data_2F4I
#
_entry.id   2F4I
#
_cell.length_a   65.677
_cell.length_b   78.075
_cell.length_c   82.487
_cell.angle_alpha   90.00
_cell.angle_beta   93.40
_cell.angle_gamma   90.00
#
_symmetry.space_group_name_H-M   'P 1 21 1'
#
loop_
_entity.id
_entity.type
_entity.pdbx_description
1 polymer 'hypothetical protein TM0957'
2 non-polymer 'CHLORIDE ION'
3 non-polymer 'MAGNESIUM ION'
4 water water
#
_entity_poly.entity_id   1
_entity_poly.type   'polypeptide(L)'
_entity_poly.pdbx_seq_one_letter_code
;(MSE)GSD(MLY)IHHHHHHEE(MSE)E(MLY)GFDP(MLY)RYARELWF(MLY)LQD(MSE)(MSE)NEGLGYDAVEVL
NTLDENPELAHQ(MLY)FA(MLY)VVGVSNYRYYIIQGVGEIVEI(MLY)DDGILV(MLY)VRENR(MLY)VPDLFLSNH
IFGNGIVNATGIA(MLY)(MSE)EDFDRIIDFNLTATELN(MLY)IV(MLY)EEVVNSFL(MLY)QLS(MLY)GAGSVGS
LVRFIAVFTLL(MLY)DEEI(MLY)YPIEAIPLYLEIQGGF
;
_entity_poly.pdbx_strand_id   A,B,C,D
#
loop_
_chem_comp.id
_chem_comp.type
_chem_comp.name
_chem_comp.formula
CL non-polymer 'CHLORIDE ION' 'Cl -1'
MG non-polymer 'MAGNESIUM ION' 'Mg 2'
#
# COMPACT_ATOMS: atom_id res chain seq x y z
N PHE A 19 -13.67 0.40 -17.72
CA PHE A 19 -12.21 0.42 -18.05
C PHE A 19 -11.42 -0.21 -16.91
N ASP A 20 -10.52 -1.12 -17.23
CA ASP A 20 -9.74 -1.82 -16.25
C ASP A 20 -8.27 -1.37 -16.30
N PRO A 21 -7.87 -0.49 -15.38
CA PRO A 21 -6.47 -0.05 -15.37
C PRO A 21 -5.45 -1.12 -14.95
N MLY A 22 -5.88 -2.13 -14.20
CA MLY A 22 -4.97 -3.19 -13.73
CB MLY A 22 -5.67 -3.97 -12.59
CG MLY A 22 -4.82 -5.09 -11.93
CD MLY A 22 -5.69 -6.01 -11.02
CE MLY A 22 -4.96 -7.30 -10.64
NZ MLY A 22 -5.86 -8.54 -10.60
C MLY A 22 -4.53 -4.10 -14.90
O MLY A 22 -3.35 -4.37 -15.09
N ARG A 23 -5.50 -4.54 -15.66
CA ARG A 23 -5.25 -5.27 -16.88
C ARG A 23 -4.46 -4.41 -17.89
N TYR A 24 -4.87 -3.16 -18.07
CA TYR A 24 -4.20 -2.30 -19.05
C TYR A 24 -2.72 -2.15 -18.71
N ALA A 25 -2.43 -1.93 -17.43
CA ALA A 25 -1.06 -1.81 -16.95
C ALA A 25 -0.25 -3.06 -17.19
N ARG A 26 -0.84 -4.21 -16.92
CA ARG A 26 -0.19 -5.52 -17.09
C ARG A 26 0.17 -5.77 -18.54
N GLU A 27 -0.74 -5.38 -19.45
CA GLU A 27 -0.49 -5.43 -20.89
C GLU A 27 0.61 -4.47 -21.35
N LEU A 28 0.63 -3.26 -20.79
CA LEU A 28 1.72 -2.34 -21.11
C LEU A 28 3.08 -2.94 -20.66
N TRP A 29 3.09 -3.61 -19.52
CA TRP A 29 4.30 -4.14 -18.93
C TRP A 29 4.89 -5.20 -19.82
N PHE A 30 4.05 -6.13 -20.28
CA PHE A 30 4.44 -7.12 -21.29
C PHE A 30 5.02 -6.51 -22.57
N MLY A 31 4.42 -5.42 -23.04
CA MLY A 31 4.90 -4.67 -24.19
CB MLY A 31 3.80 -3.67 -24.55
CG MLY A 31 3.98 -2.82 -25.75
CD MLY A 31 2.64 -2.07 -26.05
CE MLY A 31 2.82 -0.98 -27.19
NZ MLY A 31 3.98 -0.04 -26.99
C MLY A 31 6.27 -4.03 -23.89
O MLY A 31 7.19 -4.13 -24.70
N LEU A 32 6.43 -3.47 -22.70
CA LEU A 32 7.68 -2.90 -22.22
C LEU A 32 8.80 -3.95 -22.05
N GLN A 33 8.44 -5.12 -21.50
CA GLN A 33 9.38 -6.23 -21.40
C GLN A 33 9.94 -6.64 -22.75
N ASP A 34 9.06 -6.73 -23.75
CA ASP A 34 9.48 -7.03 -25.12
C ASP A 34 10.42 -5.96 -25.66
N MSE A 35 10.11 -4.69 -25.43
CA MSE A 35 10.99 -3.59 -25.88
C MSE A 35 12.37 -3.64 -25.26
O MSE A 35 13.36 -3.42 -25.95
CB MSE A 35 10.34 -2.23 -25.57
CG MSE A 35 9.12 -1.83 -26.39
SE MSE A 35 8.28 -0.10 -25.80
CE MSE A 35 9.87 0.94 -25.57
N MSE A 36 12.44 -3.95 -23.95
CA MSE A 36 13.73 -4.09 -23.24
C MSE A 36 14.50 -5.29 -23.74
O MSE A 36 15.69 -5.19 -23.89
CB MSE A 36 13.52 -4.17 -21.73
CG MSE A 36 12.90 -2.93 -21.18
SE MSE A 36 12.77 -2.96 -19.25
CE MSE A 36 12.75 -1.05 -19.10
N ASN A 37 13.83 -6.40 -24.06
CA ASN A 37 14.50 -7.51 -24.72
C ASN A 37 15.12 -7.11 -26.06
N GLU A 38 14.54 -6.11 -26.71
CA GLU A 38 14.91 -5.77 -28.06
C GLU A 38 16.01 -4.71 -28.07
N GLY A 39 16.21 -4.08 -26.91
CA GLY A 39 17.20 -3.02 -26.76
C GLY A 39 16.51 -1.72 -26.43
N LEU A 40 16.67 -1.28 -25.19
CA LEU A 40 16.10 -0.03 -24.75
C LEU A 40 17.02 0.67 -23.75
N GLY A 41 17.34 1.96 -23.97
CA GLY A 41 18.10 2.74 -23.03
C GLY A 41 19.42 3.18 -23.61
N TYR A 42 19.84 4.39 -23.27
CA TYR A 42 21.17 4.88 -23.67
C TYR A 42 22.23 4.39 -22.66
N ASP A 43 23.46 4.27 -23.14
CA ASP A 43 24.56 3.91 -22.31
C ASP A 43 24.66 4.85 -21.08
N ALA A 44 24.55 4.25 -19.88
CA ALA A 44 24.57 5.00 -18.62
C ALA A 44 25.79 5.93 -18.43
N VAL A 45 27.00 5.45 -18.70
CA VAL A 45 28.21 6.25 -18.51
C VAL A 45 28.22 7.47 -19.42
N GLU A 46 27.88 7.26 -20.70
CA GLU A 46 27.81 8.36 -21.67
C GLU A 46 26.80 9.45 -21.26
N VAL A 47 25.58 9.03 -20.90
CA VAL A 47 24.55 9.98 -20.45
C VAL A 47 25.03 10.77 -19.21
N LEU A 48 25.48 10.09 -18.16
CA LEU A 48 25.94 10.79 -16.96
C LEU A 48 27.15 11.73 -17.22
N ASN A 49 28.11 11.29 -18.02
CA ASN A 49 29.22 12.15 -18.41
C ASN A 49 28.75 13.40 -19.13
N THR A 50 27.78 13.23 -20.03
CA THR A 50 27.23 14.39 -20.74
C THR A 50 26.46 15.34 -19.78
N LEU A 51 25.72 14.78 -18.82
CA LEU A 51 25.03 15.60 -17.81
C LEU A 51 26.02 16.42 -17.02
N ASP A 52 27.16 15.84 -16.67
CA ASP A 52 28.19 16.55 -15.91
C ASP A 52 28.86 17.64 -16.69
N GLU A 53 29.00 17.41 -17.97
CA GLU A 53 29.60 18.40 -18.85
C GLU A 53 28.63 19.50 -19.33
N ASN A 54 27.40 19.12 -19.68
CA ASN A 54 26.47 20.01 -20.35
C ASN A 54 25.04 19.45 -20.31
N PRO A 55 24.29 19.78 -19.26
CA PRO A 55 22.98 19.17 -19.07
C PRO A 55 21.99 19.45 -20.19
N GLU A 56 22.04 20.63 -20.80
CA GLU A 56 21.14 20.93 -21.93
C GLU A 56 21.45 20.10 -23.17
N LEU A 57 22.73 19.87 -23.46
CA LEU A 57 23.11 18.91 -24.48
C LEU A 57 22.62 17.54 -24.13
N ALA A 58 22.74 17.10 -22.88
CA ALA A 58 22.21 15.81 -22.44
C ALA A 58 20.70 15.73 -22.69
N HIS A 59 19.95 16.74 -22.28
CA HIS A 59 18.50 16.70 -22.51
C HIS A 59 18.25 16.50 -24.01
N GLN A 60 18.90 17.29 -24.85
CA GLN A 60 18.73 17.23 -26.30
C GLN A 60 19.05 15.86 -26.87
N MLY A 61 20.16 15.29 -26.42
CA MLY A 61 20.67 14.05 -27.00
CB MLY A 61 22.16 13.89 -26.60
CG MLY A 61 23.17 14.46 -27.53
CD MLY A 61 24.61 14.36 -26.88
CE MLY A 61 25.66 13.89 -27.87
CE MLY A 61 25.72 13.99 -27.84
NZ MLY A 61 26.94 13.27 -27.34
NZ MLY A 61 27.02 14.68 -27.46
CH1 MLY A 61 27.27 13.71 -25.96
CH1 MLY A 61 27.74 13.90 -26.43
CH2 MLY A 61 26.95 11.80 -27.48
CH2 MLY A 61 27.86 15.04 -28.63
C MLY A 61 19.92 12.83 -26.52
O MLY A 61 19.71 11.88 -27.26
N PHE A 62 19.57 12.82 -25.23
CA PHE A 62 19.16 11.61 -24.56
C PHE A 62 17.75 11.59 -23.91
N ALA A 63 17.08 12.72 -23.79
CA ALA A 63 15.87 12.77 -22.99
C ALA A 63 14.63 12.97 -23.88
N MLY A 64 13.49 12.50 -23.39
CA MLY A 64 12.20 12.75 -24.02
CB MLY A 64 11.36 11.47 -24.10
CG MLY A 64 11.62 10.62 -25.31
CD MLY A 64 11.23 9.14 -25.15
CE MLY A 64 11.39 8.39 -26.45
NZ MLY A 64 11.98 7.00 -26.46
CH1 MLY A 64 11.79 6.20 -25.23
CH2 MLY A 64 11.55 6.25 -27.68
C MLY A 64 11.49 13.86 -23.22
O MLY A 64 11.72 14.02 -22.01
N VAL A 65 10.64 14.59 -23.93
CA VAL A 65 9.80 15.65 -23.38
C VAL A 65 8.37 15.18 -23.57
N VAL A 66 7.48 15.47 -22.64
CA VAL A 66 6.06 15.12 -22.82
C VAL A 66 5.25 16.40 -22.69
N GLY A 67 4.45 16.65 -23.71
CA GLY A 67 3.75 17.91 -23.81
C GLY A 67 4.76 19.02 -23.96
N VAL A 68 4.50 20.14 -23.29
CA VAL A 68 5.37 21.31 -23.38
C VAL A 68 6.07 21.60 -22.03
N SER A 69 6.07 20.65 -21.08
CA SER A 69 6.71 20.86 -19.75
C SER A 69 8.27 20.89 -19.72
N ASN A 70 8.80 21.25 -18.56
CA ASN A 70 10.25 21.42 -18.39
C ASN A 70 10.95 20.21 -17.85
N TYR A 71 10.18 19.14 -17.71
CA TYR A 71 10.73 17.87 -17.29
C TYR A 71 11.33 17.11 -18.45
N ARG A 72 12.45 16.45 -18.20
CA ARG A 72 13.22 15.70 -19.18
C ARG A 72 13.34 14.24 -18.73
N TYR A 73 12.83 13.32 -19.54
CA TYR A 73 12.70 11.91 -19.16
C TYR A 73 13.76 11.03 -19.83
N TYR A 74 14.59 10.41 -18.99
CA TYR A 74 15.75 9.65 -19.42
C TYR A 74 15.52 8.17 -19.23
N ILE A 75 16.06 7.36 -20.15
CA ILE A 75 16.16 5.95 -19.93
C ILE A 75 17.57 5.49 -20.23
N ILE A 76 18.21 4.87 -19.22
CA ILE A 76 19.58 4.42 -19.29
C ILE A 76 19.70 2.93 -19.04
N GLN A 77 20.74 2.33 -19.60
CA GLN A 77 21.04 0.97 -19.33
C GLN A 77 22.54 0.84 -19.08
N GLY A 78 22.91 -0.15 -18.30
CA GLY A 78 24.31 -0.38 -18.03
C GLY A 78 24.56 -1.49 -17.03
N VAL A 79 25.78 -1.54 -16.55
CA VAL A 79 26.18 -2.50 -15.54
C VAL A 79 26.81 -1.71 -14.43
N GLY A 80 26.36 -1.92 -13.20
CA GLY A 80 26.89 -1.22 -12.07
C GLY A 80 27.32 -2.16 -10.97
N GLU A 81 28.17 -1.67 -10.10
CA GLU A 81 28.57 -2.44 -8.95
C GLU A 81 27.82 -1.93 -7.71
N ILE A 82 27.26 -2.85 -6.93
CA ILE A 82 26.54 -2.53 -5.71
C ILE A 82 27.52 -1.99 -4.67
N VAL A 83 27.26 -0.77 -4.20
CA VAL A 83 28.09 -0.07 -3.21
C VAL A 83 27.44 -0.18 -1.82
N GLU A 84 26.11 -0.12 -1.80
CA GLU A 84 25.36 -0.23 -0.56
C GLU A 84 23.95 -0.74 -0.88
N ILE A 85 23.45 -1.61 -0.01
CA ILE A 85 22.11 -2.17 -0.07
C ILE A 85 21.26 -1.52 1.02
N MLY A 86 20.13 -0.93 0.63
CA MLY A 86 19.21 -0.29 1.56
CB MLY A 86 18.98 1.15 1.12
CG MLY A 86 20.13 2.14 1.22
CD MLY A 86 19.54 3.55 1.28
CE MLY A 86 20.47 4.67 0.87
NZ MLY A 86 19.72 5.99 1.03
C MLY A 86 17.86 -1.03 1.55
O MLY A 86 17.61 -1.89 0.70
N ASP A 87 16.98 -0.67 2.48
CA ASP A 87 15.63 -1.25 2.54
C ASP A 87 14.82 -0.96 1.29
N ASP A 88 15.10 0.19 0.67
CA ASP A 88 14.32 0.74 -0.42
C ASP A 88 15.08 0.85 -1.74
N GLY A 89 16.24 0.22 -1.83
CA GLY A 89 17.01 0.23 -3.07
C GLY A 89 18.46 -0.10 -2.94
N ILE A 90 19.19 0.08 -4.04
CA ILE A 90 20.63 -0.13 -4.04
C ILE A 90 21.35 1.12 -4.59
N LEU A 91 22.47 1.44 -3.97
CA LEU A 91 23.41 2.44 -4.51
C LEU A 91 24.42 1.70 -5.36
N VAL A 92 24.63 2.22 -6.57
CA VAL A 92 25.40 1.56 -7.62
C VAL A 92 26.40 2.55 -8.23
N MLY A 93 27.62 2.08 -8.43
CA MLY A 93 28.68 2.84 -9.09
CB MLY A 93 30.02 2.63 -8.27
CG MLY A 93 31.39 2.66 -9.02
CD MLY A 93 32.43 1.57 -8.57
CE MLY A 93 33.32 1.92 -7.38
NZ MLY A 93 34.70 1.13 -7.32
C MLY A 93 28.78 2.34 -10.51
O MLY A 93 28.89 1.13 -10.73
N VAL A 94 28.72 3.26 -11.48
CA VAL A 94 28.96 2.95 -12.91
C VAL A 94 30.24 3.60 -13.42
N ARG A 95 30.81 4.54 -12.67
CA ARG A 95 32.06 5.15 -13.03
C ARG A 95 33.04 5.15 -11.85
N GLU A 96 34.34 5.15 -12.14
CA GLU A 96 35.39 5.21 -11.11
C GLU A 96 35.67 6.66 -10.73
N ASN A 97 36.38 6.87 -9.63
CA ASN A 97 36.84 8.19 -9.17
C ASN A 97 35.73 9.18 -8.83
N ARG A 98 34.53 8.71 -8.47
CA ARG A 98 33.47 9.63 -8.08
C ARG A 98 33.34 9.74 -6.54
N MLY A 99 32.82 10.86 -6.07
CA MLY A 99 32.71 11.09 -4.63
CB MLY A 99 32.41 12.58 -4.29
CG MLY A 99 32.81 12.91 -2.85
CD MLY A 99 32.48 14.36 -2.41
C MLY A 99 31.64 10.19 -4.01
O MLY A 99 31.87 9.60 -2.96
N VAL A 100 30.50 10.10 -4.67
CA VAL A 100 29.36 9.31 -4.19
C VAL A 100 28.89 8.42 -5.32
N PRO A 101 28.16 7.35 -4.99
CA PRO A 101 27.57 6.52 -6.06
C PRO A 101 26.81 7.30 -7.15
N ASP A 102 26.82 6.78 -8.36
CA ASP A 102 26.21 7.44 -9.50
C ASP A 102 24.69 7.39 -9.42
N LEU A 103 24.17 6.21 -9.03
CA LEU A 103 22.75 5.88 -9.11
C LEU A 103 22.22 5.31 -7.80
N PHE A 104 21.04 5.76 -7.40
CA PHE A 104 20.27 5.10 -6.37
C PHE A 104 19.07 4.49 -7.08
N LEU A 105 19.09 3.18 -7.22
CA LEU A 105 18.04 2.42 -7.86
C LEU A 105 17.04 2.04 -6.78
N SER A 106 15.90 2.74 -6.71
CA SER A 106 14.94 2.61 -5.60
C SER A 106 13.52 2.18 -5.96
N ASN A 107 12.75 1.84 -4.93
CA ASN A 107 11.32 1.47 -5.06
C ASN A 107 10.38 2.66 -4.84
N HIS A 108 10.94 3.87 -4.83
CA HIS A 108 10.12 5.09 -4.67
C HIS A 108 9.56 5.48 -6.02
N ILE A 109 8.50 4.79 -6.45
CA ILE A 109 7.91 4.96 -7.80
C ILE A 109 6.55 5.67 -7.71
N PHE A 110 6.49 6.88 -8.23
CA PHE A 110 5.31 7.73 -8.17
C PHE A 110 5.12 8.32 -9.57
N GLY A 111 3.89 8.59 -9.99
CA GLY A 111 3.66 9.40 -11.18
C GLY A 111 4.04 8.78 -12.53
N ASN A 112 4.37 9.68 -13.45
CA ASN A 112 4.34 9.37 -14.87
C ASN A 112 5.70 9.18 -15.48
N GLY A 113 6.75 9.13 -14.65
CA GLY A 113 8.11 8.89 -15.09
C GLY A 113 8.33 7.67 -15.94
N ILE A 114 7.69 6.55 -15.61
CA ILE A 114 7.91 5.30 -16.41
C ILE A 114 7.28 5.45 -17.78
N VAL A 115 6.01 5.87 -17.83
CA VAL A 115 5.30 5.98 -19.12
C VAL A 115 5.87 7.10 -20.00
N ASN A 116 6.33 8.18 -19.38
CA ASN A 116 6.92 9.31 -20.10
C ASN A 116 8.35 9.06 -20.58
N ALA A 117 9.16 8.39 -19.77
CA ALA A 117 10.53 8.00 -20.21
C ALA A 117 10.55 6.94 -21.30
N THR A 118 9.60 5.99 -21.25
CA THR A 118 9.57 4.82 -22.16
C THR A 118 8.68 5.06 -23.40
N GLY A 119 7.72 5.96 -23.26
CA GLY A 119 6.69 6.21 -24.26
C GLY A 119 5.69 5.08 -24.44
N ILE A 120 5.59 4.18 -23.46
CA ILE A 120 4.73 2.98 -23.55
C ILE A 120 3.25 3.33 -23.54
N ALA A 121 2.91 4.45 -22.90
CA ALA A 121 1.55 4.99 -22.91
C ALA A 121 1.62 6.52 -22.96
N MLY A 122 0.63 7.11 -23.61
CA MLY A 122 0.47 8.54 -23.62
CB MLY A 122 0.92 9.13 -24.96
CG MLY A 122 0.44 8.37 -26.16
C MLY A 122 -1.00 8.87 -23.37
O MLY A 122 -1.87 8.05 -23.58
N MSE A 123 -1.23 10.08 -22.90
CA MSE A 123 -2.57 10.58 -22.60
C MSE A 123 -3.53 10.34 -23.74
O MSE A 123 -4.69 9.97 -23.53
CB MSE A 123 -2.49 12.09 -22.38
CG MSE A 123 -3.81 12.76 -22.22
SE MSE A 123 -4.73 11.98 -20.71
CE MSE A 123 -6.50 11.97 -21.53
N GLU A 124 -3.07 10.57 -24.95
CA GLU A 124 -3.98 10.44 -26.09
C GLU A 124 -4.51 9.01 -26.28
N ASP A 125 -3.88 8.02 -25.64
CA ASP A 125 -4.36 6.64 -25.73
C ASP A 125 -5.62 6.41 -24.90
N PHE A 126 -6.00 7.37 -24.08
CA PHE A 126 -7.08 7.17 -23.12
C PHE A 126 -8.24 8.11 -23.37
N ASP A 127 -9.45 7.66 -23.03
CA ASP A 127 -10.63 8.51 -23.18
C ASP A 127 -10.77 9.49 -21.99
N ARG A 128 -10.29 9.12 -20.81
CA ARG A 128 -10.34 9.96 -19.63
C ARG A 128 -8.94 10.15 -19.01
N ILE A 129 -8.75 11.30 -18.38
CA ILE A 129 -7.50 11.58 -17.69
C ILE A 129 -7.30 10.64 -16.48
N ILE A 130 -8.38 10.32 -15.79
CA ILE A 130 -8.33 9.43 -14.66
C ILE A 130 -7.88 8.01 -15.11
N ASP A 131 -8.29 7.56 -16.32
CA ASP A 131 -7.84 6.25 -16.86
C ASP A 131 -6.31 6.20 -17.07
N PHE A 132 -5.76 7.32 -17.53
CA PHE A 132 -4.33 7.46 -17.67
C PHE A 132 -3.66 7.40 -16.32
N ASN A 133 -4.17 8.15 -15.37
CA ASN A 133 -3.60 8.20 -14.04
C ASN A 133 -3.66 6.88 -13.30
N LEU A 134 -4.81 6.22 -13.27
CA LEU A 134 -4.92 4.91 -12.60
C LEU A 134 -4.00 3.83 -13.27
N THR A 135 -3.88 3.87 -14.60
CA THR A 135 -3.01 2.95 -15.33
C THR A 135 -1.53 3.14 -14.97
N ALA A 136 -1.09 4.40 -14.91
CA ALA A 136 0.26 4.75 -14.42
C ALA A 136 0.53 4.24 -12.99
N THR A 137 -0.43 4.37 -12.09
CA THR A 137 -0.35 3.80 -10.76
C THR A 137 -0.18 2.28 -10.75
N GLU A 138 -0.99 1.58 -11.54
CA GLU A 138 -0.92 0.12 -11.63
C GLU A 138 0.39 -0.38 -12.19
N LEU A 139 0.91 0.31 -13.22
CA LEU A 139 2.17 -0.05 -13.77
C LEU A 139 3.34 0.20 -12.76
N ASN A 140 3.27 1.27 -11.99
CA ASN A 140 4.26 1.54 -10.96
C ASN A 140 4.27 0.48 -9.86
N MLY A 141 3.09 -0.01 -9.50
CA MLY A 141 2.93 -1.13 -8.61
CB MLY A 141 1.43 -1.39 -8.38
CG MLY A 141 1.09 -2.41 -7.29
CD MLY A 141 -0.39 -2.79 -7.29
CE MLY A 141 -0.94 -3.36 -5.98
NZ MLY A 141 -0.15 -4.41 -5.30
C MLY A 141 3.64 -2.37 -9.17
O MLY A 141 4.38 -3.02 -8.43
N ILE A 142 3.45 -2.69 -10.45
CA ILE A 142 4.08 -3.88 -11.05
C ILE A 142 5.59 -3.75 -10.88
N VAL A 143 6.14 -2.60 -11.26
CA VAL A 143 7.57 -2.41 -11.24
C VAL A 143 8.13 -2.43 -9.79
N MLY A 144 7.47 -1.72 -8.86
CA MLY A 144 7.82 -1.75 -7.46
CB MLY A 144 6.79 -0.96 -6.65
CG MLY A 144 7.18 -0.91 -5.19
CD MLY A 144 6.42 0.14 -4.36
CE MLY A 144 7.08 0.42 -2.93
NZ MLY A 144 6.82 -0.52 -1.72
CH1 MLY A 144 5.70 -1.50 -1.87
CH2 MLY A 144 8.05 -1.20 -1.23
C MLY A 144 7.95 -3.19 -6.92
O MLY A 144 8.98 -3.58 -6.36
N GLU A 145 6.92 -3.99 -7.15
CA GLU A 145 6.83 -5.30 -6.57
C GLU A 145 7.62 -6.35 -7.34
N GLU A 146 7.53 -6.34 -8.67
CA GLU A 146 8.02 -7.45 -9.47
C GLU A 146 9.38 -7.22 -10.09
N VAL A 147 9.88 -5.99 -9.99
CA VAL A 147 11.29 -5.69 -10.32
C VAL A 147 12.10 -5.34 -9.07
N VAL A 148 11.76 -4.24 -8.39
CA VAL A 148 12.63 -3.71 -7.33
C VAL A 148 12.56 -4.53 -6.06
N ASN A 149 11.38 -4.67 -5.46
CA ASN A 149 11.25 -5.38 -4.17
C ASN A 149 11.62 -6.87 -4.31
N SER A 150 11.26 -7.44 -5.45
CA SER A 150 11.64 -8.80 -5.83
C SER A 150 13.16 -9.01 -5.83
N PHE A 151 13.87 -8.05 -6.43
CA PHE A 151 15.34 -8.10 -6.50
C PHE A 151 15.98 -7.93 -5.12
N LEU A 152 15.41 -7.05 -4.31
CA LEU A 152 15.91 -6.87 -2.92
C LEU A 152 15.72 -8.12 -2.09
N MLY A 153 14.62 -8.84 -2.33
CA MLY A 153 14.38 -10.07 -1.61
CB MLY A 153 12.94 -10.61 -1.79
CG MLY A 153 12.64 -11.80 -0.84
CD MLY A 153 11.32 -12.55 -1.17
CE MLY A 153 10.95 -13.52 -0.03
NZ MLY A 153 10.12 -14.74 -0.43
C MLY A 153 15.39 -11.12 -2.04
O MLY A 153 15.95 -11.79 -1.20
N GLN A 154 15.67 -11.25 -3.33
CA GLN A 154 16.63 -12.26 -3.78
C GLN A 154 18.08 -11.92 -3.35
N LEU A 155 18.41 -10.63 -3.18
CA LEU A 155 19.67 -10.27 -2.54
C LEU A 155 19.79 -10.81 -1.12
N SER A 156 18.72 -10.70 -0.31
CA SER A 156 18.71 -11.22 1.08
C SER A 156 18.87 -12.72 1.12
N MLY A 157 18.39 -13.41 0.08
CA MLY A 157 18.45 -14.86 0.00
CB MLY A 157 17.19 -15.38 -0.71
CG MLY A 157 16.10 -15.89 0.27
CD MLY A 157 15.33 -14.77 1.00
CE MLY A 157 13.98 -15.30 1.55
C MLY A 157 19.76 -15.38 -0.63
O MLY A 157 19.92 -16.61 -0.84
N GLY A 158 20.72 -14.48 -0.90
CA GLY A 158 22.08 -14.85 -1.29
C GLY A 158 22.46 -14.60 -2.75
N ALA A 159 21.55 -13.97 -3.51
CA ALA A 159 21.77 -13.75 -4.95
C ALA A 159 22.92 -12.82 -5.25
N GLY A 160 23.20 -11.90 -4.34
CA GLY A 160 24.32 -10.97 -4.49
C GLY A 160 24.50 -10.17 -3.23
N SER A 161 25.52 -9.31 -3.21
CA SER A 161 25.77 -8.44 -2.08
C SER A 161 26.57 -7.20 -2.53
N VAL A 162 26.99 -6.35 -1.58
CA VAL A 162 27.86 -5.23 -1.88
C VAL A 162 29.05 -5.79 -2.66
N GLY A 163 29.40 -5.15 -3.77
CA GLY A 163 30.49 -5.63 -4.63
C GLY A 163 30.02 -6.43 -5.85
N SER A 164 28.77 -6.92 -5.83
CA SER A 164 28.21 -7.65 -6.97
C SER A 164 27.93 -6.71 -8.14
N LEU A 165 27.95 -7.24 -9.35
CA LEU A 165 27.63 -6.48 -10.54
C LEU A 165 26.18 -6.73 -10.93
N VAL A 166 25.46 -5.65 -11.33
CA VAL A 166 24.03 -5.71 -11.70
C VAL A 166 23.82 -5.05 -13.07
N ARG A 167 23.24 -5.79 -14.02
CA ARG A 167 22.74 -5.19 -15.25
C ARG A 167 21.41 -4.48 -14.96
N PHE A 168 21.24 -3.25 -15.44
CA PHE A 168 20.02 -2.49 -15.19
C PHE A 168 19.51 -1.79 -16.44
N ILE A 169 18.23 -1.52 -16.46
CA ILE A 169 17.61 -0.49 -17.28
C ILE A 169 16.82 0.33 -16.27
N ALA A 170 16.99 1.66 -16.31
CA ALA A 170 16.36 2.54 -15.34
C ALA A 170 15.96 3.87 -15.97
N VAL A 171 14.96 4.52 -15.36
CA VAL A 171 14.41 5.81 -15.84
C VAL A 171 14.57 6.85 -14.77
N PHE A 172 14.80 8.09 -15.19
CA PHE A 172 14.86 9.19 -14.26
C PHE A 172 14.41 10.44 -14.94
N THR A 173 13.97 11.40 -14.13
CA THR A 173 13.39 12.65 -14.62
C THR A 173 14.18 13.82 -14.06
N LEU A 174 14.59 14.75 -14.93
CA LEU A 174 15.23 15.95 -14.52
C LEU A 174 14.37 17.15 -14.87
N LEU A 175 14.54 18.22 -14.11
CA LEU A 175 13.96 19.47 -14.45
C LEU A 175 15.03 20.25 -15.23
N MLY A 176 14.65 20.81 -16.38
CA MLY A 176 15.54 21.69 -17.12
CB MLY A 176 14.75 22.32 -18.29
CG MLY A 176 15.48 23.36 -19.12
CD MLY A 176 14.54 24.01 -20.18
CE MLY A 176 13.96 25.36 -19.74
NZ MLY A 176 13.11 26.07 -20.77
C MLY A 176 16.06 22.78 -16.15
O MLY A 176 15.27 23.40 -15.41
N ASP A 177 17.36 22.97 -16.18
CA ASP A 177 18.07 24.01 -15.39
C ASP A 177 18.28 23.70 -13.92
N GLU A 178 17.88 22.51 -13.50
CA GLU A 178 18.17 22.08 -12.12
C GLU A 178 19.62 21.54 -12.11
N GLU A 179 20.36 21.84 -11.07
CA GLU A 179 21.71 21.29 -10.95
C GLU A 179 21.64 19.76 -10.77
N ILE A 180 22.51 19.03 -11.46
CA ILE A 180 22.61 17.57 -11.30
C ILE A 180 23.22 17.29 -9.93
N MLY A 181 22.52 16.52 -9.11
CA MLY A 181 23.05 16.09 -7.81
CB MLY A 181 22.25 16.63 -6.62
CG MLY A 181 22.11 18.16 -6.56
CD MLY A 181 23.42 18.93 -6.27
CE MLY A 181 23.24 20.46 -6.52
C MLY A 181 23.11 14.55 -7.80
O MLY A 181 22.22 13.85 -8.29
N TYR A 182 24.21 14.03 -7.25
CA TYR A 182 24.40 12.60 -7.15
C TYR A 182 24.15 12.18 -5.71
N PRO A 183 23.76 10.94 -5.49
CA PRO A 183 23.31 9.96 -6.47
C PRO A 183 22.03 10.36 -7.21
N ILE A 184 21.94 10.04 -8.50
CA ILE A 184 20.71 10.22 -9.24
C ILE A 184 19.78 9.07 -8.86
N GLU A 185 18.58 9.42 -8.38
CA GLU A 185 17.55 8.46 -8.05
C GLU A 185 16.87 8.05 -9.36
N ALA A 186 16.80 6.76 -9.61
CA ALA A 186 16.33 6.24 -10.85
C ALA A 186 15.44 5.05 -10.54
N ILE A 187 14.42 4.84 -11.35
CA ILE A 187 13.52 3.70 -11.17
C ILE A 187 13.96 2.60 -12.09
N PRO A 188 14.38 1.48 -11.51
CA PRO A 188 14.77 0.33 -12.33
C PRO A 188 13.61 -0.48 -12.94
N LEU A 189 13.71 -0.70 -14.24
CA LEU A 189 12.72 -1.47 -15.01
C LEU A 189 13.24 -2.87 -15.22
N TYR A 190 14.55 -3.03 -15.05
CA TYR A 190 15.23 -4.31 -15.22
C TYR A 190 16.45 -4.31 -14.28
N LEU A 191 16.61 -5.41 -13.55
CA LEU A 191 17.68 -5.58 -12.55
C LEU A 191 18.06 -7.02 -12.51
N GLU A 192 19.31 -7.34 -12.79
CA GLU A 192 19.75 -8.72 -12.69
C GLU A 192 21.24 -8.78 -12.36
N ILE A 193 21.60 -9.71 -11.48
CA ILE A 193 22.99 -9.90 -11.11
C ILE A 193 23.76 -10.45 -12.30
N GLN A 194 24.91 -9.84 -12.57
CA GLN A 194 25.80 -10.22 -13.63
C GLN A 194 27.17 -10.60 -13.03
N MLY B 17 15.56 -13.88 -21.50
CA MLY B 17 15.03 -14.43 -22.80
CB MLY B 17 16.19 -14.72 -23.76
C MLY B 17 14.10 -15.69 -22.74
O MLY B 17 13.29 -15.89 -23.65
N GLY B 18 14.20 -16.51 -21.69
CA GLY B 18 13.45 -17.79 -21.62
C GLY B 18 11.92 -17.69 -21.52
N PHE B 19 11.25 -18.83 -21.56
CA PHE B 19 9.79 -18.86 -21.55
C PHE B 19 9.22 -18.42 -20.21
N ASP B 20 8.19 -17.59 -20.26
CA ASP B 20 7.55 -17.05 -19.07
C ASP B 20 6.12 -17.56 -18.91
N PRO B 21 5.91 -18.62 -18.11
CA PRO B 21 4.58 -19.22 -17.96
C PRO B 21 3.57 -18.32 -17.19
N MLY B 22 4.08 -17.48 -16.30
CA MLY B 22 3.21 -16.57 -15.56
CB MLY B 22 3.98 -15.88 -14.45
CG MLY B 22 3.15 -15.06 -13.50
CD MLY B 22 4.06 -14.48 -12.40
CE MLY B 22 3.39 -13.39 -11.52
NZ MLY B 22 4.43 -12.66 -10.64
CH1 MLY B 22 4.93 -13.54 -9.53
CH2 MLY B 22 5.57 -12.22 -11.46
C MLY B 22 2.58 -15.54 -16.50
O MLY B 22 1.37 -15.31 -16.50
N ARG B 23 3.43 -14.91 -17.30
CA ARG B 23 2.97 -13.99 -18.34
C ARG B 23 2.01 -14.68 -19.33
N TYR B 24 2.39 -15.87 -19.79
CA TYR B 24 1.61 -16.57 -20.80
C TYR B 24 0.23 -16.89 -20.25
N ALA B 25 0.18 -17.30 -18.98
CA ALA B 25 -1.09 -17.64 -18.31
C ALA B 25 -2.01 -16.44 -18.18
N ARG B 26 -1.43 -15.28 -17.82
CA ARG B 26 -2.12 -14.02 -17.69
C ARG B 26 -2.73 -13.56 -19.02
N GLU B 27 -1.94 -13.67 -20.08
CA GLU B 27 -2.42 -13.33 -21.41
C GLU B 27 -3.55 -14.24 -21.83
N LEU B 28 -3.42 -15.52 -21.52
CA LEU B 28 -4.50 -16.48 -21.74
C LEU B 28 -5.79 -16.10 -20.97
N TRP B 29 -5.60 -15.67 -19.73
CA TRP B 29 -6.73 -15.23 -18.88
C TRP B 29 -7.46 -14.02 -19.46
N PHE B 30 -6.72 -13.01 -19.90
CA PHE B 30 -7.32 -11.84 -20.60
C PHE B 30 -8.15 -12.23 -21.82
N MLY B 31 -7.61 -13.13 -22.62
CA MLY B 31 -8.29 -13.69 -23.78
CB MLY B 31 -7.31 -14.70 -24.37
CG MLY B 31 -7.32 -14.88 -25.83
CD MLY B 31 -5.90 -15.30 -26.27
C MLY B 31 -9.59 -14.44 -23.39
O MLY B 31 -10.64 -14.36 -24.04
N LEU B 32 -9.49 -15.20 -22.30
CA LEU B 32 -10.64 -15.90 -21.76
C LEU B 32 -11.67 -14.91 -21.19
N GLN B 33 -11.21 -13.86 -20.50
CA GLN B 33 -12.12 -12.78 -20.04
C GLN B 33 -12.93 -12.16 -21.19
N ASP B 34 -12.27 -11.89 -22.30
CA ASP B 34 -12.94 -11.33 -23.47
C ASP B 34 -13.95 -12.30 -24.06
N MSE B 35 -13.61 -13.58 -24.10
CA MSE B 35 -14.55 -14.57 -24.58
C MSE B 35 -15.81 -14.61 -23.71
O MSE B 35 -16.93 -14.70 -24.21
CB MSE B 35 -13.88 -15.91 -24.68
CG MSE B 35 -12.92 -15.96 -25.82
SE MSE B 35 -11.86 -17.55 -25.62
CE MSE B 35 -12.08 -18.23 -27.41
N MSE B 36 -15.62 -14.56 -22.40
CA MSE B 36 -16.75 -14.63 -21.47
C MSE B 36 -17.64 -13.43 -21.57
O MSE B 36 -18.86 -13.55 -21.48
CB MSE B 36 -16.27 -14.82 -20.05
CG MSE B 36 -15.72 -16.21 -19.83
SE MSE B 36 -15.16 -16.37 -17.97
CE MSE B 36 -13.61 -15.16 -17.99
N ASN B 37 -17.05 -12.27 -21.82
CA ASN B 37 -17.83 -11.09 -22.11
C ASN B 37 -18.64 -11.20 -23.40
N GLU B 38 -18.13 -11.90 -24.40
CA GLU B 38 -18.90 -12.15 -25.62
C GLU B 38 -20.07 -13.11 -25.40
N GLY B 39 -19.89 -14.06 -24.50
CA GLY B 39 -20.81 -15.18 -24.35
C GLY B 39 -20.02 -16.46 -24.50
N LEU B 40 -19.95 -17.22 -23.40
CA LEU B 40 -19.25 -18.49 -23.39
C LEU B 40 -19.99 -19.45 -22.46
N GLY B 41 -20.20 -20.68 -22.94
CA GLY B 41 -20.80 -21.73 -22.12
C GLY B 41 -22.15 -22.09 -22.66
N TYR B 42 -22.51 -23.35 -22.59
CA TYR B 42 -23.86 -23.78 -22.91
C TYR B 42 -24.69 -23.69 -21.66
N ASP B 43 -25.98 -23.64 -21.82
CA ASP B 43 -26.89 -23.55 -20.70
C ASP B 43 -26.74 -24.74 -19.73
N ALA B 44 -26.46 -24.45 -18.47
CA ALA B 44 -26.22 -25.48 -17.46
C ALA B 44 -27.36 -26.50 -17.34
N VAL B 45 -28.62 -26.06 -17.27
CA VAL B 45 -29.76 -26.97 -17.10
C VAL B 45 -29.85 -27.92 -18.29
N GLU B 46 -29.78 -27.38 -19.49
CA GLU B 46 -29.85 -28.19 -20.73
C GLU B 46 -28.75 -29.27 -20.80
N VAL B 47 -27.51 -28.85 -20.53
CA VAL B 47 -26.39 -29.79 -20.54
C VAL B 47 -26.60 -30.89 -19.49
N LEU B 48 -26.91 -30.51 -18.25
CA LEU B 48 -27.09 -31.52 -17.19
C LEU B 48 -28.27 -32.48 -17.45
N ASN B 49 -29.38 -31.94 -17.93
CA ASN B 49 -30.54 -32.81 -18.32
C ASN B 49 -30.16 -33.76 -19.45
N THR B 50 -29.37 -33.30 -20.41
CA THR B 50 -28.93 -34.18 -21.51
C THR B 50 -27.95 -35.26 -21.01
N LEU B 51 -27.05 -34.89 -20.10
CA LEU B 51 -26.16 -35.87 -19.47
C LEU B 51 -26.94 -36.97 -18.72
N ASP B 52 -28.03 -36.59 -18.08
CA ASP B 52 -28.87 -37.55 -17.36
C ASP B 52 -29.63 -38.48 -18.31
N GLU B 53 -30.10 -37.95 -19.43
CA GLU B 53 -30.86 -38.72 -20.40
C GLU B 53 -29.95 -39.56 -21.27
N ASN B 54 -28.85 -38.97 -21.73
CA ASN B 54 -28.07 -39.57 -22.83
C ASN B 54 -26.64 -38.98 -22.91
N PRO B 55 -25.74 -39.48 -22.06
CA PRO B 55 -24.37 -38.95 -21.95
C PRO B 55 -23.60 -38.82 -23.27
N GLU B 56 -23.73 -39.79 -24.16
CA GLU B 56 -23.05 -39.71 -25.47
C GLU B 56 -23.59 -38.56 -26.33
N LEU B 57 -24.91 -38.33 -26.27
CA LEU B 57 -25.52 -37.19 -26.96
C LEU B 57 -24.98 -35.87 -26.37
N ALA B 58 -24.90 -35.82 -25.04
CA ALA B 58 -24.31 -34.66 -24.39
C ALA B 58 -22.84 -34.43 -24.84
N HIS B 59 -22.04 -35.49 -24.88
CA HIS B 59 -20.65 -35.35 -25.32
C HIS B 59 -20.61 -34.73 -26.74
N GLN B 60 -21.38 -35.32 -27.65
CA GLN B 60 -21.45 -34.88 -29.06
C GLN B 60 -21.96 -33.43 -29.22
N MLY B 61 -22.98 -33.07 -28.45
CA MLY B 61 -23.66 -31.78 -28.57
CB MLY B 61 -25.05 -31.93 -27.98
CG MLY B 61 -26.14 -31.10 -28.61
CD MLY B 61 -27.57 -31.60 -28.26
CE MLY B 61 -28.59 -30.44 -28.44
NZ MLY B 61 -30.04 -30.88 -28.31
C MLY B 61 -22.89 -30.66 -27.86
O MLY B 61 -22.81 -29.54 -28.35
N PHE B 62 -22.32 -30.95 -26.70
CA PHE B 62 -21.83 -29.88 -25.82
C PHE B 62 -20.34 -29.93 -25.41
N ALA B 63 -19.64 -31.02 -25.71
CA ALA B 63 -18.26 -31.20 -25.20
C ALA B 63 -17.24 -31.02 -26.31
N MLY B 64 -16.02 -30.66 -25.89
CA MLY B 64 -14.85 -30.67 -26.76
CB MLY B 64 -14.03 -29.35 -26.58
CG MLY B 64 -14.51 -28.22 -27.50
CD MLY B 64 -13.84 -26.88 -27.19
CE MLY B 64 -14.65 -25.68 -27.83
NZ MLY B 64 -14.43 -24.36 -27.07
CH1 MLY B 64 -13.79 -23.33 -27.91
CH2 MLY B 64 -15.70 -23.81 -26.49
C MLY B 64 -13.95 -31.87 -26.43
O MLY B 64 -13.93 -32.36 -25.29
N VAL B 65 -13.23 -32.33 -27.45
CA VAL B 65 -12.26 -33.41 -27.34
C VAL B 65 -10.87 -32.81 -27.67
N VAL B 66 -9.84 -33.34 -27.03
CA VAL B 66 -8.47 -32.92 -27.30
C VAL B 66 -7.77 -34.23 -27.66
N GLY B 67 -7.11 -34.27 -28.80
CA GLY B 67 -6.36 -35.44 -29.21
C GLY B 67 -7.30 -36.58 -29.46
N VAL B 68 -6.95 -37.76 -28.99
CA VAL B 68 -7.79 -38.94 -29.12
C VAL B 68 -8.11 -39.52 -27.74
N SER B 69 -8.06 -38.69 -26.69
CA SER B 69 -8.43 -39.14 -25.34
C SER B 69 -9.95 -39.35 -25.17
N ASN B 70 -10.29 -40.03 -24.09
CA ASN B 70 -11.69 -40.32 -23.71
C ASN B 70 -12.32 -39.25 -22.84
N TYR B 71 -11.54 -38.22 -22.53
CA TYR B 71 -12.03 -37.09 -21.79
C TYR B 71 -12.94 -36.22 -22.61
N ARG B 72 -13.90 -35.65 -21.90
CA ARG B 72 -14.84 -34.74 -22.52
C ARG B 72 -14.98 -33.47 -21.68
N TYR B 73 -14.63 -32.35 -22.27
CA TYR B 73 -14.49 -31.07 -21.56
C TYR B 73 -15.69 -30.19 -21.81
N TYR B 74 -16.35 -29.78 -20.73
CA TYR B 74 -17.58 -29.01 -20.81
C TYR B 74 -17.38 -27.61 -20.24
N ILE B 75 -18.04 -26.62 -20.85
CA ILE B 75 -18.20 -25.27 -20.29
C ILE B 75 -19.69 -25.01 -20.22
N ILE B 76 -20.14 -24.68 -19.02
CA ILE B 76 -21.53 -24.35 -18.80
C ILE B 76 -21.65 -22.95 -18.22
N GLN B 77 -22.80 -22.34 -18.44
CA GLN B 77 -23.14 -21.11 -17.75
C GLN B 77 -24.59 -21.17 -17.31
N GLY B 78 -24.89 -20.38 -16.28
CA GLY B 78 -26.23 -20.31 -15.74
C GLY B 78 -26.34 -19.46 -14.51
N VAL B 79 -27.44 -19.65 -13.80
CA VAL B 79 -27.67 -18.98 -12.55
C VAL B 79 -28.04 -20.07 -11.57
N GLY B 80 -27.33 -20.12 -10.46
CA GLY B 80 -27.61 -21.10 -9.44
C GLY B 80 -27.88 -20.48 -8.11
N GLU B 81 -28.56 -21.23 -7.24
CA GLU B 81 -28.82 -20.80 -5.90
C GLU B 81 -27.83 -21.47 -4.95
N ILE B 82 -27.18 -20.67 -4.09
CA ILE B 82 -26.25 -21.19 -3.09
C ILE B 82 -27.06 -22.01 -2.08
N VAL B 83 -26.67 -23.27 -1.92
CA VAL B 83 -27.27 -24.23 -0.99
C VAL B 83 -26.38 -24.40 0.25
N GLU B 84 -25.07 -24.31 0.06
CA GLU B 84 -24.09 -24.45 1.13
C GLU B 84 -22.83 -23.69 0.75
N ILE B 85 -22.22 -23.03 1.74
CA ILE B 85 -20.93 -22.35 1.60
C ILE B 85 -19.87 -23.13 2.37
N MLY B 86 -18.80 -23.51 1.69
CA MLY B 86 -17.68 -24.24 2.28
CB MLY B 86 -17.40 -25.53 1.48
CG MLY B 86 -18.50 -26.57 1.47
CD MLY B 86 -17.81 -27.91 1.20
CE MLY B 86 -18.75 -29.04 0.92
NZ MLY B 86 -17.98 -30.35 0.96
C MLY B 86 -16.45 -23.37 2.22
O MLY B 86 -16.44 -22.33 1.56
N ASP B 87 -15.37 -23.83 2.87
CA ASP B 87 -14.07 -23.19 2.85
C ASP B 87 -13.49 -23.09 1.44
N ASP B 88 -13.81 -24.10 0.64
CA ASP B 88 -13.19 -24.36 -0.63
C ASP B 88 -14.15 -24.20 -1.83
N GLY B 89 -15.36 -23.70 -1.58
CA GLY B 89 -16.31 -23.51 -2.67
C GLY B 89 -17.74 -23.33 -2.22
N ILE B 90 -18.65 -23.27 -3.21
CA ILE B 90 -20.10 -23.23 -2.97
C ILE B 90 -20.82 -24.38 -3.68
N LEU B 91 -21.77 -24.97 -2.97
CA LEU B 91 -22.69 -25.94 -3.56
C LEU B 91 -23.88 -25.13 -4.06
N VAL B 92 -24.30 -25.43 -5.30
CA VAL B 92 -25.24 -24.60 -6.01
C VAL B 92 -26.27 -25.50 -6.70
N MLY B 93 -27.55 -25.13 -6.60
CA MLY B 93 -28.61 -25.84 -7.30
CB MLY B 93 -29.80 -26.14 -6.37
CG MLY B 93 -30.90 -25.13 -6.31
CD MLY B 93 -32.01 -25.58 -5.41
CE MLY B 93 -32.80 -24.38 -4.85
NZ MLY B 93 -34.11 -24.79 -4.34
CH1 MLY B 93 -33.91 -25.53 -3.08
CH2 MLY B 93 -34.89 -23.58 -4.11
C MLY B 93 -29.01 -25.04 -8.56
O MLY B 93 -29.15 -23.82 -8.52
N VAL B 94 -29.09 -25.75 -9.68
CA VAL B 94 -29.61 -25.19 -10.93
C VAL B 94 -30.98 -25.78 -11.31
N ARG B 95 -31.35 -26.90 -10.67
CA ARG B 95 -32.62 -27.55 -10.90
C ARG B 95 -33.32 -27.85 -9.58
N GLU B 96 -34.63 -28.00 -9.66
CA GLU B 96 -35.45 -28.34 -8.51
C GLU B 96 -35.54 -29.86 -8.34
N ASN B 97 -36.04 -30.28 -7.17
CA ASN B 97 -36.36 -31.68 -6.86
C ASN B 97 -35.21 -32.65 -6.97
N ARG B 98 -33.99 -32.18 -6.83
CA ARG B 98 -32.81 -33.06 -6.89
C ARG B 98 -32.39 -33.48 -5.47
N MLY B 99 -31.77 -34.65 -5.35
CA MLY B 99 -31.38 -35.22 -4.05
CB MLY B 99 -30.96 -36.69 -4.27
CG MLY B 99 -30.73 -37.56 -3.02
CD MLY B 99 -31.92 -37.56 -2.11
C MLY B 99 -30.21 -34.42 -3.44
O MLY B 99 -30.18 -34.11 -2.23
N VAL B 100 -29.25 -34.07 -4.29
CA VAL B 100 -28.08 -33.29 -3.87
C VAL B 100 -27.93 -32.11 -4.82
N PRO B 101 -27.16 -31.09 -4.41
CA PRO B 101 -26.90 -29.99 -5.33
C PRO B 101 -26.25 -30.41 -6.69
N ASP B 102 -26.53 -29.64 -7.72
CA ASP B 102 -26.08 -30.00 -9.05
C ASP B 102 -24.58 -29.79 -9.19
N LEU B 103 -24.07 -28.69 -8.60
CA LEU B 103 -22.69 -28.29 -8.81
C LEU B 103 -22.00 -27.94 -7.53
N PHE B 104 -20.73 -28.35 -7.43
CA PHE B 104 -19.78 -27.85 -6.45
C PHE B 104 -18.77 -26.99 -7.19
N LEU B 105 -18.89 -25.67 -7.02
CA LEU B 105 -18.02 -24.72 -7.64
C LEU B 105 -16.91 -24.43 -6.66
N SER B 106 -15.72 -24.95 -6.95
CA SER B 106 -14.64 -25.00 -5.99
C SER B 106 -13.31 -24.41 -6.43
N ASN B 107 -12.43 -24.24 -5.45
CA ASN B 107 -11.07 -23.73 -5.64
C ASN B 107 -10.02 -24.84 -5.83
N HIS B 108 -10.49 -26.07 -6.07
CA HIS B 108 -9.67 -27.23 -6.34
C HIS B 108 -9.51 -27.26 -7.86
N ILE B 109 -8.63 -26.38 -8.34
CA ILE B 109 -8.45 -26.18 -9.74
C ILE B 109 -7.24 -26.99 -10.21
N PHE B 110 -7.56 -28.19 -10.72
CA PHE B 110 -6.58 -29.17 -11.16
C PHE B 110 -6.90 -29.70 -12.56
N GLY B 111 -5.87 -30.30 -13.16
CA GLY B 111 -5.97 -30.76 -14.52
C GLY B 111 -5.97 -29.59 -15.49
N ASN B 112 -6.05 -29.93 -16.76
CA ASN B 112 -5.89 -28.99 -17.85
C ASN B 112 -7.25 -28.67 -18.46
N GLY B 113 -8.29 -28.82 -17.64
CA GLY B 113 -9.67 -28.54 -18.02
C GLY B 113 -10.00 -27.16 -18.54
N ILE B 114 -9.35 -26.12 -18.03
CA ILE B 114 -9.62 -24.78 -18.53
C ILE B 114 -9.18 -24.64 -19.97
N VAL B 115 -7.94 -25.02 -20.24
CA VAL B 115 -7.40 -24.87 -21.57
C VAL B 115 -8.09 -25.81 -22.54
N ASN B 116 -8.40 -27.01 -22.10
CA ASN B 116 -8.98 -28.01 -22.99
C ASN B 116 -10.48 -27.75 -23.31
N ALA B 117 -11.21 -27.25 -22.31
CA ALA B 117 -12.61 -26.89 -22.54
C ALA B 117 -12.76 -25.67 -23.40
N THR B 118 -11.85 -24.71 -23.28
CA THR B 118 -12.00 -23.43 -23.98
C THR B 118 -11.23 -23.37 -25.29
N GLY B 119 -10.22 -24.24 -25.43
CA GLY B 119 -9.31 -24.19 -26.57
C GLY B 119 -8.43 -22.96 -26.63
N ILE B 120 -8.21 -22.27 -25.53
CA ILE B 120 -7.31 -21.08 -25.55
C ILE B 120 -5.81 -21.39 -25.72
N ALA B 121 -5.39 -22.60 -25.33
CA ALA B 121 -4.02 -23.04 -25.55
C ALA B 121 -4.09 -24.53 -25.86
N MLY B 122 -3.09 -25.01 -26.58
CA MLY B 122 -2.88 -26.44 -26.78
CB MLY B 122 -3.50 -26.94 -28.10
CG MLY B 122 -3.08 -26.22 -29.35
CD MLY B 122 -3.92 -26.65 -30.54
CE MLY B 122 -3.41 -26.01 -31.83
NZ MLY B 122 -4.00 -26.59 -33.14
C MLY B 122 -1.40 -26.73 -26.65
O MLY B 122 -0.58 -25.84 -26.73
N MSE B 123 -1.08 -28.01 -26.42
CA MSE B 123 0.30 -28.48 -26.30
C MSE B 123 1.21 -28.04 -27.43
O MSE B 123 2.36 -27.69 -27.21
CB MSE B 123 0.31 -30.00 -26.22
CG MSE B 123 1.71 -30.56 -26.10
SE MSE B 123 2.59 -29.77 -24.54
CE MSE B 123 1.57 -30.90 -23.25
N GLU B 124 0.67 -28.03 -28.64
CA GLU B 124 1.41 -27.63 -29.86
C GLU B 124 1.94 -26.21 -29.73
N ASP B 125 1.30 -25.39 -28.92
CA ASP B 125 1.68 -23.99 -28.79
C ASP B 125 2.97 -23.81 -27.98
N PHE B 126 3.53 -24.89 -27.43
CA PHE B 126 4.64 -24.82 -26.46
C PHE B 126 5.83 -25.62 -26.93
N ASP B 127 7.04 -25.10 -26.72
CA ASP B 127 8.26 -25.75 -27.13
C ASP B 127 8.58 -26.91 -26.19
N ARG B 128 8.21 -26.82 -24.91
CA ARG B 128 8.48 -27.84 -23.92
C ARG B 128 7.20 -28.25 -23.20
N ILE B 129 7.10 -29.52 -22.79
CA ILE B 129 5.96 -30.01 -22.06
C ILE B 129 5.83 -29.25 -20.71
N ILE B 130 6.97 -28.97 -20.09
CA ILE B 130 6.98 -28.26 -18.82
C ILE B 130 6.46 -26.81 -18.97
N ASP B 131 6.67 -26.19 -20.12
CA ASP B 131 6.10 -24.87 -20.40
C ASP B 131 4.58 -24.92 -20.33
N PHE B 132 3.99 -25.95 -20.96
CA PHE B 132 2.55 -26.20 -20.97
C PHE B 132 2.02 -26.34 -19.54
N ASN B 133 2.69 -27.21 -18.80
CA ASN B 133 2.26 -27.55 -17.44
C ASN B 133 2.37 -26.37 -16.45
N LEU B 134 3.48 -25.65 -16.52
CA LEU B 134 3.66 -24.46 -15.69
C LEU B 134 2.67 -23.33 -16.05
N THR B 135 2.34 -23.18 -17.33
CA THR B 135 1.27 -22.25 -17.75
C THR B 135 -0.07 -22.65 -17.21
N ALA B 136 -0.41 -23.91 -17.39
CA ALA B 136 -1.62 -24.46 -16.82
C ALA B 136 -1.69 -24.10 -15.31
N THR B 137 -0.54 -24.28 -14.66
CA THR B 137 -0.42 -24.03 -13.21
C THR B 137 -0.67 -22.57 -12.85
N GLU B 138 -0.06 -21.66 -13.59
CA GLU B 138 -0.24 -20.24 -13.36
C GLU B 138 -1.66 -19.79 -13.67
N LEU B 139 -2.25 -20.31 -14.73
CA LEU B 139 -3.61 -19.98 -15.10
C LEU B 139 -4.61 -20.43 -14.01
N ASN B 140 -4.42 -21.64 -13.53
CA ASN B 140 -5.23 -22.21 -12.44
C ASN B 140 -5.08 -21.41 -11.15
N MLY B 141 -3.86 -20.92 -10.86
CA MLY B 141 -3.63 -20.00 -9.72
CB MLY B 141 -2.14 -19.64 -9.63
CG MLY B 141 -1.77 -18.90 -8.38
CD MLY B 141 -0.30 -18.50 -8.24
CE MLY B 141 -0.18 -17.49 -7.08
NZ MLY B 141 1.19 -16.94 -6.76
C MLY B 141 -4.48 -18.73 -9.84
O MLY B 141 -5.11 -18.28 -8.85
N ILE B 142 -4.53 -18.14 -11.03
CA ILE B 142 -5.31 -16.94 -11.26
C ILE B 142 -6.78 -17.17 -10.92
N VAL B 143 -7.31 -18.27 -11.42
CA VAL B 143 -8.73 -18.56 -11.24
C VAL B 143 -9.02 -18.87 -9.79
N MLY B 144 -8.18 -19.66 -9.15
CA MLY B 144 -8.33 -19.98 -7.73
CB MLY B 144 -7.16 -20.86 -7.29
CG MLY B 144 -7.34 -21.48 -5.94
CD MLY B 144 -6.04 -22.09 -5.39
CE MLY B 144 -4.85 -21.09 -5.39
C MLY B 144 -8.39 -18.72 -6.89
O MLY B 144 -9.28 -18.55 -6.06
N GLU B 145 -7.44 -17.82 -7.09
CA GLU B 145 -7.29 -16.65 -6.27
C GLU B 145 -8.27 -15.53 -6.66
N GLU B 146 -8.35 -15.25 -7.95
CA GLU B 146 -9.00 -14.03 -8.39
C GLU B 146 -10.43 -14.24 -8.82
N VAL B 147 -10.86 -15.49 -8.93
CA VAL B 147 -12.26 -15.79 -9.13
C VAL B 147 -12.86 -16.44 -7.87
N VAL B 148 -12.34 -17.59 -7.45
CA VAL B 148 -13.05 -18.38 -6.42
C VAL B 148 -12.82 -17.84 -5.03
N ASN B 149 -11.55 -17.76 -4.62
CA ASN B 149 -11.23 -17.34 -3.25
C ASN B 149 -11.67 -15.92 -2.94
N SER B 150 -11.53 -15.08 -3.94
CA SER B 150 -12.03 -13.71 -3.92
C SER B 150 -13.58 -13.65 -3.70
N PHE B 151 -14.32 -14.51 -4.39
CA PHE B 151 -15.77 -14.59 -4.26
C PHE B 151 -16.20 -15.13 -2.89
N LEU B 152 -15.49 -16.14 -2.39
CA LEU B 152 -15.76 -16.66 -1.07
C LEU B 152 -15.52 -15.58 -0.01
N MLY B 153 -14.48 -14.77 -0.21
CA MLY B 153 -14.16 -13.70 0.72
CB MLY B 153 -12.80 -13.03 0.35
CG MLY B 153 -12.26 -12.05 1.45
CD MLY B 153 -10.92 -11.40 1.02
CE MLY B 153 -10.60 -10.05 1.76
NZ MLY B 153 -9.27 -9.38 1.31
C MLY B 153 -15.27 -12.66 0.77
O MLY B 153 -15.66 -12.24 1.83
N GLN B 154 -15.78 -12.26 -0.41
CA GLN B 154 -16.88 -11.29 -0.47
C GLN B 154 -18.15 -11.81 0.16
N LEU B 155 -18.42 -13.11 0.02
CA LEU B 155 -19.56 -13.71 0.71
C LEU B 155 -19.45 -13.50 2.22
N SER B 156 -18.27 -13.74 2.80
CA SER B 156 -18.07 -13.59 4.25
C SER B 156 -18.24 -12.13 4.70
N MLY B 157 -18.02 -11.20 3.78
CA MLY B 157 -18.20 -9.78 4.06
CB MLY B 157 -17.23 -8.96 3.21
CG MLY B 157 -15.94 -8.69 3.95
CD MLY B 157 -15.11 -9.94 4.23
CE MLY B 157 -13.92 -9.57 5.10
NZ MLY B 157 -13.16 -10.69 5.69
CH1 MLY B 157 -11.85 -10.17 6.13
CH2 MLY B 157 -13.89 -11.25 6.84
C MLY B 157 -19.63 -9.28 3.85
O MLY B 157 -19.89 -8.10 3.95
N GLY B 158 -20.53 -10.17 3.49
CA GLY B 158 -21.95 -9.86 3.36
C GLY B 158 -22.51 -9.77 1.93
N ALA B 159 -21.72 -10.14 0.92
CA ALA B 159 -22.14 -10.05 -0.49
C ALA B 159 -23.33 -10.94 -0.80
N GLY B 160 -23.44 -12.06 -0.08
CA GLY B 160 -24.50 -13.01 -0.30
C GLY B 160 -24.41 -14.07 0.76
N SER B 161 -25.35 -15.03 0.67
CA SER B 161 -25.37 -16.17 1.59
C SER B 161 -26.15 -17.34 0.97
N VAL B 162 -26.38 -18.39 1.74
CA VAL B 162 -27.25 -19.50 1.30
C VAL B 162 -28.55 -18.87 0.84
N GLY B 163 -29.06 -19.29 -0.31
CA GLY B 163 -30.26 -18.71 -0.90
C GLY B 163 -30.00 -17.66 -1.97
N SER B 164 -28.81 -17.07 -1.97
CA SER B 164 -28.47 -16.04 -2.96
C SER B 164 -28.34 -16.67 -4.34
N LEU B 165 -28.61 -15.88 -5.37
CA LEU B 165 -28.46 -16.35 -6.74
C LEU B 165 -27.09 -15.89 -7.28
N VAL B 166 -26.44 -16.76 -8.04
CA VAL B 166 -25.06 -16.50 -8.55
C VAL B 166 -25.00 -16.84 -10.05
N ARG B 167 -24.64 -15.86 -10.87
CA ARG B 167 -24.29 -16.11 -12.26
C ARG B 167 -22.91 -16.79 -12.30
N PHE B 168 -22.79 -17.86 -13.07
CA PHE B 168 -21.51 -18.57 -13.19
C PHE B 168 -21.23 -18.95 -14.63
N ILE B 169 -19.92 -19.06 -14.93
CA ILE B 169 -19.39 -19.84 -16.04
C ILE B 169 -18.45 -20.83 -15.39
N ALA B 170 -18.55 -22.11 -15.77
CA ALA B 170 -17.77 -23.15 -15.13
C ALA B 170 -17.36 -24.23 -16.12
N VAL B 171 -16.25 -24.91 -15.82
CA VAL B 171 -15.73 -25.98 -16.67
C VAL B 171 -15.67 -27.25 -15.85
N PHE B 172 -16.00 -28.37 -16.48
CA PHE B 172 -15.80 -29.65 -15.85
C PHE B 172 -15.38 -30.65 -16.90
N THR B 173 -14.76 -31.73 -16.45
CA THR B 173 -14.25 -32.81 -17.31
C THR B 173 -14.99 -34.11 -16.94
N LEU B 174 -15.43 -34.86 -17.94
CA LEU B 174 -15.99 -36.19 -17.71
C LEU B 174 -15.17 -37.21 -18.49
N LEU B 175 -15.09 -38.41 -17.97
CA LEU B 175 -14.48 -39.51 -18.69
C LEU B 175 -15.63 -40.22 -19.43
N MLY B 176 -15.41 -40.48 -20.70
CA MLY B 176 -16.42 -41.16 -21.49
CB MLY B 176 -15.98 -41.27 -22.97
CG MLY B 176 -16.71 -42.27 -23.83
CD MLY B 176 -16.11 -42.36 -25.22
CE MLY B 176 -16.59 -43.60 -26.00
NZ MLY B 176 -17.50 -43.36 -27.17
C MLY B 176 -16.70 -42.51 -20.83
O MLY B 176 -15.77 -43.23 -20.43
N ASP B 177 -17.99 -42.82 -20.68
CA ASP B 177 -18.49 -44.05 -20.03
C ASP B 177 -18.52 -44.05 -18.49
N GLU B 178 -18.11 -42.97 -17.86
CA GLU B 178 -18.20 -42.88 -16.40
C GLU B 178 -19.63 -42.45 -16.08
N GLU B 179 -20.19 -43.03 -15.02
CA GLU B 179 -21.51 -42.65 -14.56
C GLU B 179 -21.46 -41.20 -14.04
N ILE B 180 -22.46 -40.41 -14.40
CA ILE B 180 -22.63 -39.05 -13.89
C ILE B 180 -22.99 -39.13 -12.40
N MLY B 181 -22.16 -38.49 -11.56
CA MLY B 181 -22.37 -38.43 -10.12
CB MLY B 181 -21.16 -39.01 -9.36
CG MLY B 181 -21.43 -40.35 -8.70
CD MLY B 181 -20.69 -41.50 -9.41
C MLY B 181 -22.52 -36.99 -9.71
O MLY B 181 -21.71 -36.16 -10.08
N TYR B 182 -23.53 -36.70 -8.90
CA TYR B 182 -23.75 -35.36 -8.40
C TYR B 182 -23.30 -35.25 -6.94
N PRO B 183 -22.90 -34.03 -6.51
CA PRO B 183 -22.72 -32.81 -7.30
C PRO B 183 -21.55 -32.90 -8.25
N ILE B 184 -21.70 -32.33 -9.45
CA ILE B 184 -20.59 -32.25 -10.37
C ILE B 184 -19.68 -31.14 -9.86
N GLU B 185 -18.41 -31.49 -9.66
CA GLU B 185 -17.39 -30.51 -9.26
C GLU B 185 -16.87 -29.79 -10.50
N ALA B 186 -16.97 -28.47 -10.47
CA ALA B 186 -16.65 -27.67 -11.65
C ALA B 186 -15.74 -26.52 -11.23
N ILE B 187 -14.91 -26.07 -12.16
CA ILE B 187 -14.03 -24.95 -11.97
C ILE B 187 -14.76 -23.71 -12.42
N PRO B 188 -14.98 -22.76 -11.51
CA PRO B 188 -15.64 -21.52 -11.92
C PRO B 188 -14.68 -20.50 -12.53
N LEU B 189 -15.00 -20.03 -13.71
CA LEU B 189 -14.25 -18.99 -14.39
C LEU B 189 -14.90 -17.61 -14.20
N TYR B 190 -16.17 -17.61 -13.81
CA TYR B 190 -16.92 -16.41 -13.54
C TYR B 190 -17.92 -16.71 -12.41
N LEU B 191 -18.02 -15.78 -11.47
CA LEU B 191 -18.91 -15.92 -10.29
C LEU B 191 -19.35 -14.54 -9.86
N GLU B 192 -20.65 -14.27 -9.91
CA GLU B 192 -21.17 -12.99 -9.51
C GLU B 192 -22.57 -13.17 -8.89
N ILE B 193 -22.80 -12.53 -7.74
CA ILE B 193 -24.13 -12.52 -7.14
C ILE B 193 -25.06 -11.74 -8.07
N GLN B 194 -26.24 -12.33 -8.34
CA GLN B 194 -27.28 -11.67 -9.14
C GLN B 194 -28.28 -10.90 -8.29
N GLY C 18 -9.39 8.93 -0.28
CA GLY C 18 -8.63 10.07 -0.90
C GLY C 18 -7.24 10.26 -0.31
N PHE C 19 -6.54 11.32 -0.70
CA PHE C 19 -5.18 11.52 -0.18
C PHE C 19 -5.24 12.11 1.22
N ASP C 20 -4.47 11.51 2.13
CA ASP C 20 -4.42 11.88 3.55
C ASP C 20 -3.09 12.57 3.88
N PRO C 21 -3.06 13.91 3.92
CA PRO C 21 -1.82 14.63 4.19
C PRO C 21 -1.34 14.53 5.62
N MLY C 22 -2.25 14.34 6.56
CA MLY C 22 -1.93 14.18 7.97
CB MLY C 22 -3.19 14.18 8.80
CG MLY C 22 -2.94 14.38 10.28
CD MLY C 22 -4.25 14.22 11.05
CE MLY C 22 -4.02 14.09 12.52
NZ MLY C 22 -5.05 13.27 13.19
CH1 MLY C 22 -5.07 13.65 14.63
CH2 MLY C 22 -6.43 13.31 12.61
C MLY C 22 -1.15 12.91 8.21
O MLY C 22 -0.10 12.94 8.86
N ARG C 23 -1.69 11.80 7.72
CA ARG C 23 -0.99 10.51 7.73
C ARG C 23 0.33 10.56 6.99
N TYR C 24 0.33 11.16 5.80
CA TYR C 24 1.55 11.24 4.99
C TYR C 24 2.66 12.00 5.74
N ALA C 25 2.29 13.13 6.35
CA ALA C 25 3.19 13.93 7.17
C ALA C 25 3.75 13.15 8.40
N ARG C 26 2.91 12.36 9.04
CA ARG C 26 3.35 11.55 10.18
C ARG C 26 4.37 10.50 9.72
N GLU C 27 4.09 9.85 8.62
CA GLU C 27 5.03 8.89 8.05
C GLU C 27 6.36 9.53 7.67
N LEU C 28 6.33 10.70 7.07
CA LEU C 28 7.57 11.40 6.75
C LEU C 28 8.37 11.78 8.02
N TRP C 29 7.63 12.12 9.08
CA TRP C 29 8.23 12.44 10.37
C TRP C 29 8.98 11.27 11.02
N PHE C 30 8.36 10.09 11.02
CA PHE C 30 9.01 8.85 11.41
C PHE C 30 10.29 8.54 10.61
N MLY C 31 10.23 8.71 9.29
CA MLY C 31 11.41 8.56 8.42
CB MLY C 31 10.96 8.69 6.95
CG MLY C 31 12.02 8.44 5.91
CD MLY C 31 11.58 8.90 4.49
CE MLY C 31 11.91 7.88 3.38
NZ MLY C 31 13.28 7.92 2.77
C MLY C 31 12.53 9.61 8.78
O MLY C 31 13.71 9.33 8.80
N LEU C 32 12.09 10.82 9.06
CA LEU C 32 12.98 11.89 9.48
C LEU C 32 13.64 11.57 10.80
N GLN C 33 12.87 11.06 11.75
CA GLN C 33 13.41 10.66 13.03
C GLN C 33 14.47 9.59 12.88
N ASP C 34 14.22 8.61 12.04
CA ASP C 34 15.22 7.55 11.81
C ASP C 34 16.49 8.11 11.20
N MSE C 35 16.38 9.04 10.29
CA MSE C 35 17.54 9.72 9.69
C MSE C 35 18.38 10.48 10.71
O MSE C 35 19.60 10.45 10.68
CB MSE C 35 17.06 10.69 8.63
CG MSE C 35 16.51 10.00 7.38
SE MSE C 35 15.49 11.15 6.17
CE MSE C 35 16.76 12.62 5.96
N MSE C 36 17.69 11.17 11.61
CA MSE C 36 18.32 11.93 12.70
C MSE C 36 19.03 11.00 13.69
O MSE C 36 20.13 11.32 14.17
CB MSE C 36 17.27 12.76 13.47
CB MSE C 36 17.29 12.86 13.35
CG MSE C 36 16.78 14.08 12.77
CG MSE C 36 16.81 13.94 12.33
SE MSE C 36 15.59 15.24 13.93
SE MSE C 36 15.61 15.33 13.01
CE MSE C 36 13.89 14.31 13.67
CE MSE C 36 14.72 14.30 14.46
N ASN C 37 18.43 9.84 13.97
CA ASN C 37 19.09 8.82 14.77
C ASN C 37 20.36 8.30 14.09
N GLU C 38 20.32 8.18 12.76
CA GLU C 38 21.45 7.66 11.97
C GLU C 38 22.56 8.71 11.75
N GLY C 39 22.29 9.98 12.07
CA GLY C 39 23.25 11.09 11.89
C GLY C 39 22.69 11.95 10.78
N LEU C 40 22.25 13.16 11.11
CA LEU C 40 21.76 14.11 10.10
C LEU C 40 22.18 15.51 10.53
N GLY C 41 22.62 16.30 9.55
CA GLY C 41 23.00 17.64 9.80
C GLY C 41 24.51 17.73 9.75
N TYR C 42 24.98 18.84 9.22
CA TYR C 42 26.39 19.15 9.30
C TYR C 42 26.69 19.82 10.64
N ASP C 43 27.95 19.78 11.03
CA ASP C 43 28.41 20.46 12.23
C ASP C 43 28.10 21.94 12.15
N ALA C 44 27.31 22.42 13.11
CA ALA C 44 26.93 23.83 13.19
C ALA C 44 28.11 24.82 13.13
N VAL C 45 29.15 24.58 13.93
CA VAL C 45 30.27 25.53 14.01
C VAL C 45 30.96 25.62 12.66
N GLU C 46 31.25 24.48 12.02
CA GLU C 46 31.91 24.44 10.70
C GLU C 46 31.09 25.16 9.61
N VAL C 47 29.78 24.88 9.58
CA VAL C 47 28.89 25.53 8.62
C VAL C 47 28.89 27.04 8.79
N LEU C 48 28.66 27.52 10.02
CA LEU C 48 28.57 28.96 10.29
C LEU C 48 29.89 29.67 10.02
N ASN C 49 31.02 29.07 10.43
CA ASN C 49 32.34 29.62 10.14
C ASN C 49 32.57 29.75 8.65
N THR C 50 32.14 28.76 7.87
CA THR C 50 32.30 28.76 6.43
C THR C 50 31.42 29.86 5.81
N LEU C 51 30.20 30.02 6.35
CA LEU C 51 29.29 31.08 5.90
C LEU C 51 29.88 32.47 6.13
N ASP C 52 30.60 32.64 7.24
CA ASP C 52 31.29 33.89 7.57
C ASP C 52 32.50 34.16 6.65
N GLU C 53 33.22 33.10 6.26
CA GLU C 53 34.39 33.21 5.37
C GLU C 53 33.99 33.34 3.90
N ASN C 54 33.09 32.46 3.46
CA ASN C 54 32.81 32.25 2.04
C ASN C 54 31.44 31.62 1.81
N PRO C 55 30.39 32.46 1.76
CA PRO C 55 29.00 31.98 1.65
C PRO C 55 28.77 31.03 0.48
N GLU C 56 29.39 31.30 -0.66
CA GLU C 56 29.23 30.45 -1.84
C GLU C 56 29.82 29.07 -1.61
N LEU C 57 30.99 29.02 -0.96
CA LEU C 57 31.57 27.73 -0.61
C LEU C 57 30.66 26.98 0.36
N ALA C 58 30.12 27.69 1.33
CA ALA C 58 29.15 27.11 2.25
C ALA C 58 27.92 26.54 1.53
N HIS C 59 27.34 27.31 0.61
CA HIS C 59 26.19 26.82 -0.18
C HIS C 59 26.60 25.50 -0.88
N GLN C 60 27.71 25.51 -1.61
CA GLN C 60 28.19 24.32 -2.36
C GLN C 60 28.45 23.12 -1.45
N MLY C 61 29.11 23.37 -0.33
CA MLY C 61 29.54 22.30 0.58
CB MLY C 61 30.58 22.84 1.54
CG MLY C 61 31.86 22.05 1.67
CD MLY C 61 32.92 22.89 2.35
CE MLY C 61 33.70 22.12 3.45
NZ MLY C 61 34.53 23.08 4.31
C MLY C 61 28.37 21.72 1.39
O MLY C 61 28.26 20.51 1.56
N PHE C 62 27.51 22.59 1.87
CA PHE C 62 26.59 22.20 2.93
C PHE C 62 25.09 22.32 2.62
N ALA C 63 24.69 22.95 1.51
CA ALA C 63 23.28 23.28 1.23
C ALA C 63 22.67 22.42 0.17
N MLY C 64 21.34 22.32 0.21
CA MLY C 64 20.56 21.76 -0.88
CB MLY C 64 19.56 20.70 -0.39
CG MLY C 64 20.28 19.43 0.07
CD MLY C 64 19.38 18.30 0.44
CE MLY C 64 20.19 17.02 0.60
NZ MLY C 64 19.37 15.99 1.33
C MLY C 64 19.84 22.86 -1.65
O MLY C 64 19.58 23.96 -1.15
N VAL C 65 19.57 22.57 -2.92
CA VAL C 65 18.82 23.45 -3.83
C VAL C 65 17.62 22.65 -4.28
N VAL C 66 16.47 23.30 -4.41
CA VAL C 66 15.23 22.66 -4.92
C VAL C 66 14.73 23.45 -6.13
N GLY C 67 14.61 22.82 -7.29
CA GLY C 67 14.18 23.56 -8.47
C GLY C 67 15.20 24.58 -8.97
N VAL C 68 14.71 25.66 -9.56
CA VAL C 68 15.56 26.64 -10.22
C VAL C 68 15.41 27.95 -9.47
N SER C 69 16.08 28.01 -8.33
CA SER C 69 16.04 29.19 -7.45
C SER C 69 17.36 29.46 -6.72
N ASN C 70 17.40 30.61 -6.08
CA ASN C 70 18.55 31.13 -5.35
C ASN C 70 18.44 30.89 -3.82
N TYR C 71 17.41 30.16 -3.39
CA TYR C 71 17.33 29.70 -2.03
C TYR C 71 18.23 28.49 -1.80
N ARG C 72 18.76 28.40 -0.59
CA ARG C 72 19.70 27.36 -0.19
C ARG C 72 19.23 26.83 1.14
N TYR C 73 19.08 25.52 1.24
CA TYR C 73 18.54 24.87 2.43
C TYR C 73 19.64 24.11 3.18
N TYR C 74 19.82 24.49 4.44
CA TYR C 74 20.85 23.94 5.34
C TYR C 74 20.23 23.11 6.48
N ILE C 75 20.94 22.05 6.86
CA ILE C 75 20.63 21.30 8.07
C ILE C 75 21.90 21.23 8.92
N ILE C 76 21.80 21.72 10.14
CA ILE C 76 22.94 21.72 11.04
C ILE C 76 22.60 20.96 12.31
N GLN C 77 23.63 20.42 12.95
CA GLN C 77 23.52 19.81 14.25
C GLN C 77 24.66 20.31 15.15
N GLY C 78 24.40 20.32 16.43
CA GLY C 78 25.40 20.71 17.37
C GLY C 78 24.86 20.76 18.78
N VAL C 79 25.65 21.37 19.67
CA VAL C 79 25.23 21.64 21.02
C VAL C 79 25.39 23.13 21.28
N GLY C 80 24.36 23.73 21.83
CA GLY C 80 24.39 25.17 22.09
C GLY C 80 24.05 25.48 23.53
N GLU C 81 24.47 26.65 23.98
CA GLU C 81 24.11 27.15 25.30
C GLU C 81 22.95 28.13 25.18
N ILE C 82 21.92 27.90 25.98
CA ILE C 82 20.78 28.79 26.02
C ILE C 82 21.23 30.14 26.61
N VAL C 83 21.02 31.20 25.83
CA VAL C 83 21.36 32.55 26.22
C VAL C 83 20.08 33.32 26.64
N GLU C 84 18.96 33.04 25.99
CA GLU C 84 17.67 33.65 26.28
C GLU C 84 16.54 32.69 25.93
N ILE C 85 15.53 32.63 26.81
CA ILE C 85 14.30 31.89 26.56
C ILE C 85 13.17 32.88 26.24
N MLY C 86 12.52 32.67 25.10
CA MLY C 86 11.38 33.48 24.67
CB MLY C 86 11.67 34.08 23.30
CG MLY C 86 12.87 34.98 23.20
CD MLY C 86 12.90 35.65 21.83
CE MLY C 86 13.76 36.88 21.83
NZ MLY C 86 14.23 37.32 20.47
CH1 MLY C 86 13.09 37.36 19.52
CH2 MLY C 86 14.96 38.64 20.59
C MLY C 86 10.11 32.62 24.59
O MLY C 86 10.15 31.41 24.72
N ASP C 87 8.96 33.27 24.39
CA ASP C 87 7.67 32.56 24.24
C ASP C 87 7.64 31.60 23.06
N ASP C 88 8.39 31.99 22.03
CA ASP C 88 8.39 31.34 20.73
C ASP C 88 9.72 30.64 20.35
N GLY C 89 10.64 30.51 21.30
CA GLY C 89 11.88 29.79 21.06
C GLY C 89 13.01 30.12 22.02
N ILE C 90 14.20 29.62 21.66
CA ILE C 90 15.45 29.86 22.39
C ILE C 90 16.54 30.50 21.55
N LEU C 91 17.25 31.47 22.14
CA LEU C 91 18.47 32.00 21.55
C LEU C 91 19.64 31.20 22.11
N VAL C 92 20.50 30.75 21.20
CA VAL C 92 21.53 29.79 21.52
C VAL C 92 22.88 30.27 21.00
N MLY C 93 23.91 30.07 21.80
CA MLY C 93 25.26 30.32 21.35
CB MLY C 93 26.00 31.23 22.33
CG MLY C 93 27.06 30.61 23.26
CD MLY C 93 27.62 31.67 24.24
CE MLY C 93 28.21 31.03 25.51
NZ MLY C 93 29.16 31.92 26.28
C MLY C 93 25.98 29.01 21.07
O MLY C 93 25.96 28.08 21.87
N VAL C 94 26.59 28.95 19.90
CA VAL C 94 27.40 27.80 19.44
C VAL C 94 28.88 28.18 19.36
N ARG C 95 29.18 29.47 19.34
CA ARG C 95 30.54 29.96 19.28
C ARG C 95 30.76 31.05 20.30
N GLU C 96 32.01 31.19 20.74
CA GLU C 96 32.42 32.22 21.72
C GLU C 96 32.72 33.55 21.02
N ASN C 97 32.80 34.64 21.79
CA ASN C 97 33.27 35.96 21.31
C ASN C 97 32.41 36.56 20.19
N ARG C 98 31.15 36.18 20.08
CA ARG C 98 30.27 36.77 19.05
C ARG C 98 29.39 37.86 19.69
N MLY C 99 28.90 38.80 18.87
CA MLY C 99 28.18 39.97 19.35
CB MLY C 99 28.15 41.05 18.23
CG MLY C 99 27.64 42.45 18.66
CD MLY C 99 28.30 43.60 17.89
C MLY C 99 26.77 39.60 19.78
O MLY C 99 26.30 40.08 20.82
N VAL C 100 26.13 38.74 18.99
CA VAL C 100 24.75 38.29 19.23
C VAL C 100 24.72 36.76 19.18
N PRO C 101 23.69 36.14 19.78
CA PRO C 101 23.61 34.67 19.65
C PRO C 101 23.65 34.18 18.19
N ASP C 102 24.17 32.98 17.98
CA ASP C 102 24.33 32.41 16.65
C ASP C 102 22.98 32.03 16.05
N LEU C 103 22.11 31.46 16.90
CA LEU C 103 20.88 30.84 16.43
C LEU C 103 19.67 31.22 17.27
N PHE C 104 18.55 31.45 16.58
CA PHE C 104 17.23 31.55 17.20
C PHE C 104 16.43 30.32 16.77
N LEU C 105 16.30 29.37 17.69
CA LEU C 105 15.60 28.15 17.42
C LEU C 105 14.14 28.36 17.85
N SER C 106 13.25 28.58 16.86
CA SER C 106 11.88 29.07 17.10
C SER C 106 10.75 28.19 16.56
N ASN C 107 9.53 28.50 16.98
CA ASN C 107 8.29 27.80 16.56
C ASN C 107 7.57 28.47 15.40
N HIS C 108 8.29 29.39 14.74
CA HIS C 108 7.86 30.09 13.53
C HIS C 108 8.18 29.15 12.40
N ILE C 109 7.39 28.09 12.26
CA ILE C 109 7.67 27.04 11.27
C ILE C 109 6.64 27.18 10.14
N PHE C 110 7.14 27.76 9.04
CA PHE C 110 6.37 27.96 7.83
C PHE C 110 7.16 27.48 6.59
N GLY C 111 6.43 27.15 5.54
CA GLY C 111 7.02 26.87 4.27
C GLY C 111 7.61 25.48 4.11
N ASN C 112 8.54 25.38 3.15
CA ASN C 112 9.03 24.10 2.67
C ASN C 112 10.43 23.82 3.14
N GLY C 113 10.89 24.59 4.12
CA GLY C 113 12.23 24.43 4.66
C GLY C 113 12.58 23.00 5.08
N ILE C 114 11.68 22.31 5.76
CA ILE C 114 12.00 20.98 6.25
C ILE C 114 12.14 19.99 5.10
N VAL C 115 11.13 19.96 4.23
CA VAL C 115 11.14 19.00 3.15
C VAL C 115 12.26 19.31 2.17
N ASN C 116 12.54 20.60 1.94
CA ASN C 116 13.59 20.98 0.99
C ASN C 116 15.01 20.77 1.53
N ALA C 117 15.20 21.02 2.81
CA ALA C 117 16.47 20.83 3.47
C ALA C 117 16.83 19.36 3.65
N THR C 118 15.80 18.54 3.89
CA THR C 118 16.04 17.15 4.20
C THR C 118 15.90 16.25 2.97
N GLY C 119 15.17 16.71 1.95
CA GLY C 119 14.88 15.91 0.79
C GLY C 119 13.88 14.77 1.00
N ILE C 120 13.14 14.79 2.11
CA ILE C 120 12.22 13.66 2.40
C ILE C 120 10.96 13.66 1.52
N ALA C 121 10.54 14.83 1.01
CA ALA C 121 9.41 14.89 0.08
C ALA C 121 9.67 15.93 -0.96
N MLY C 122 9.23 15.68 -2.19
CA MLY C 122 9.32 16.69 -3.25
CB MLY C 122 10.44 16.40 -4.24
CG MLY C 122 10.36 15.10 -4.99
CD MLY C 122 11.55 14.99 -5.90
CE MLY C 122 11.71 13.60 -6.51
NZ MLY C 122 12.76 13.64 -7.60
CH1 MLY C 122 13.29 12.26 -7.83
CH2 MLY C 122 12.25 14.27 -8.85
C MLY C 122 8.00 16.80 -3.93
O MLY C 122 7.18 15.89 -3.85
N MSE C 123 7.80 17.90 -4.61
CA MSE C 123 6.55 18.17 -5.34
C MSE C 123 6.16 17.07 -6.33
O MSE C 123 4.99 16.74 -6.44
CB MSE C 123 6.69 19.52 -6.07
CG MSE C 123 5.59 19.92 -7.03
SE MSE C 123 6.17 21.48 -8.17
CE MSE C 123 8.10 21.49 -8.02
N GLU C 124 7.17 16.49 -6.99
CA GLU C 124 7.01 15.40 -7.94
C GLU C 124 6.46 14.12 -7.33
N ASP C 125 6.50 14.00 -6.02
CA ASP C 125 5.94 12.85 -5.30
C ASP C 125 4.41 12.86 -5.24
N PHE C 126 3.78 14.00 -5.57
CA PHE C 126 2.34 14.22 -5.36
C PHE C 126 1.60 14.45 -6.69
N ASP C 127 0.32 14.09 -6.72
CA ASP C 127 -0.47 14.27 -7.92
C ASP C 127 -0.99 15.71 -7.97
N ARG C 128 -1.16 16.35 -6.83
CA ARG C 128 -1.69 17.71 -6.79
C ARG C 128 -0.81 18.61 -5.93
N ILE C 129 -0.69 19.87 -6.30
CA ILE C 129 0.11 20.82 -5.53
C ILE C 129 -0.48 20.98 -4.10
N ILE C 130 -1.80 20.95 -3.97
CA ILE C 130 -2.42 21.10 -2.65
C ILE C 130 -2.03 19.93 -1.71
N ASP C 131 -1.84 18.74 -2.27
CA ASP C 131 -1.38 17.58 -1.47
C ASP C 131 0.04 17.80 -0.88
N PHE C 132 0.94 18.34 -1.70
CA PHE C 132 2.28 18.71 -1.25
C PHE C 132 2.19 19.79 -0.15
N ASN C 133 1.45 20.87 -0.39
CA ASN C 133 1.29 21.96 0.55
C ASN C 133 0.65 21.46 1.88
N LEU C 134 -0.45 20.71 1.84
CA LEU C 134 -1.06 20.24 3.10
C LEU C 134 -0.13 19.30 3.86
N THR C 135 0.62 18.44 3.15
CA THR C 135 1.59 17.56 3.77
C THR C 135 2.68 18.35 4.48
N ALA C 136 3.22 19.35 3.80
CA ALA C 136 4.22 20.24 4.43
C ALA C 136 3.66 20.94 5.67
N THR C 137 2.44 21.46 5.55
CA THR C 137 1.72 22.12 6.64
C THR C 137 1.54 21.21 7.85
N GLU C 138 1.07 19.98 7.62
CA GLU C 138 0.93 19.00 8.71
C GLU C 138 2.29 18.62 9.35
N LEU C 139 3.33 18.45 8.54
CA LEU C 139 4.64 18.17 9.09
C LEU C 139 5.18 19.34 9.95
N ASN C 140 4.99 20.56 9.48
CA ASN C 140 5.33 21.76 10.25
C ASN C 140 4.60 21.80 11.60
N MLY C 141 3.32 21.42 11.58
CA MLY C 141 2.51 21.37 12.80
CB MLY C 141 1.05 21.07 12.47
CG MLY C 141 0.16 20.79 13.69
CD MLY C 141 -1.29 20.45 13.29
CE MLY C 141 -2.20 20.29 14.52
NZ MLY C 141 -2.97 21.56 14.90
C MLY C 141 3.12 20.35 13.80
O MLY C 141 3.22 20.67 15.00
N ILE C 142 3.57 19.20 13.30
CA ILE C 142 4.18 18.17 14.16
C ILE C 142 5.42 18.74 14.85
N VAL C 143 6.26 19.41 14.07
CA VAL C 143 7.51 19.95 14.61
C VAL C 143 7.21 21.11 15.58
N MLY C 144 6.31 22.02 15.23
CA MLY C 144 5.93 23.14 16.12
CB MLY C 144 4.79 23.99 15.53
CB MLY C 144 4.68 23.90 15.59
CG MLY C 144 4.54 25.25 16.34
CG MLY C 144 4.81 24.86 14.40
CD MLY C 144 3.54 26.23 15.75
CD MLY C 144 3.42 25.06 13.68
CE MLY C 144 3.21 27.34 16.77
CE MLY C 144 2.35 25.69 14.63
NZ MLY C 144 2.84 28.69 16.20
NZ MLY C 144 0.83 25.40 14.42
CH1 MLY C 144 1.53 28.63 15.50
CH1 MLY C 144 0.49 24.70 13.18
CH2 MLY C 144 2.77 29.65 17.30
CH2 MLY C 144 0.22 24.72 15.59
C MLY C 144 5.55 22.62 17.48
O MLY C 144 6.01 23.13 18.48
N GLU C 145 4.64 21.65 17.48
CA GLU C 145 3.97 21.20 18.68
C GLU C 145 4.81 20.17 19.45
N GLU C 146 5.36 19.19 18.74
CA GLU C 146 5.97 18.03 19.39
C GLU C 146 7.48 18.10 19.52
N VAL C 147 8.11 19.12 18.91
CA VAL C 147 9.51 19.40 19.15
C VAL C 147 9.64 20.72 19.90
N VAL C 148 9.19 21.82 19.31
CA VAL C 148 9.48 23.13 19.87
C VAL C 148 8.64 23.48 21.11
N ASN C 149 7.33 23.49 20.96
CA ASN C 149 6.43 23.91 22.05
C ASN C 149 6.54 22.99 23.24
N SER C 150 6.64 21.71 22.93
CA SER C 150 6.92 20.68 23.88
C SER C 150 8.20 20.94 24.72
N PHE C 151 9.27 21.33 24.09
CA PHE C 151 10.54 21.64 24.74
C PHE C 151 10.45 22.87 25.61
N LEU C 152 9.79 23.91 25.10
CA LEU C 152 9.59 25.14 25.85
C LEU C 152 8.78 24.87 27.09
N MLY C 153 7.81 23.97 26.98
CA MLY C 153 6.99 23.58 28.12
CB MLY C 153 5.76 22.80 27.67
CG MLY C 153 4.72 22.74 28.75
CD MLY C 153 3.55 21.74 28.56
CE MLY C 153 2.91 21.42 29.94
NZ MLY C 153 3.07 22.51 31.03
CH1 MLY C 153 2.04 23.58 30.90
CH2 MLY C 153 3.01 21.95 32.42
C MLY C 153 7.84 22.80 29.17
O MLY C 153 7.69 23.00 30.37
N GLN C 154 8.72 21.90 28.72
CA GLN C 154 9.60 21.19 29.64
C GLN C 154 10.61 22.12 30.34
N LEU C 155 11.07 23.15 29.65
CA LEU C 155 11.91 24.18 30.31
C LEU C 155 11.18 24.85 31.49
N SER C 156 9.91 25.19 31.30
CA SER C 156 9.10 25.86 32.29
C SER C 156 8.83 24.97 33.52
N MLY C 157 8.88 23.67 33.32
CA MLY C 157 8.73 22.70 34.38
CB MLY C 157 8.09 21.40 33.88
CG MLY C 157 6.62 21.54 33.55
CD MLY C 157 6.15 20.55 32.45
CE MLY C 157 5.64 19.19 33.02
NZ MLY C 157 5.55 18.09 31.93
C MLY C 157 10.04 22.36 35.09
O MLY C 157 10.03 21.52 35.99
N GLY C 158 11.15 22.98 34.70
CA GLY C 158 12.42 22.80 35.36
C GLY C 158 13.49 22.05 34.60
N ALA C 159 13.23 21.66 33.35
CA ALA C 159 14.20 20.86 32.57
C ALA C 159 15.50 21.60 32.30
N GLY C 160 15.43 22.92 32.22
CA GLY C 160 16.60 23.71 31.97
C GLY C 160 16.30 25.20 32.00
N SER C 161 17.34 26.01 31.84
CA SER C 161 17.20 27.46 31.86
C SER C 161 18.31 28.12 31.07
N VAL C 162 18.38 29.45 31.12
CA VAL C 162 19.50 30.19 30.56
C VAL C 162 20.78 29.58 31.14
N GLY C 163 21.73 29.29 30.27
CA GLY C 163 22.94 28.64 30.67
C GLY C 163 23.00 27.16 30.45
N SER C 164 21.86 26.51 30.27
CA SER C 164 21.84 25.06 29.98
C SER C 164 22.33 24.78 28.59
N LEU C 165 22.82 23.57 28.39
CA LEU C 165 23.26 23.09 27.11
C LEU C 165 22.17 22.24 26.43
N VAL C 166 21.96 22.51 25.14
CA VAL C 166 20.93 21.85 24.34
C VAL C 166 21.55 21.22 23.08
N ARG C 167 21.42 19.90 22.92
CA ARG C 167 21.69 19.25 21.62
C ARG C 167 20.57 19.61 20.66
N PHE C 168 20.92 19.96 19.43
CA PHE C 168 19.94 20.31 18.42
C PHE C 168 20.28 19.78 17.03
N ILE C 169 19.25 19.61 16.22
CA ILE C 169 19.31 19.47 14.76
C ILE C 169 18.32 20.52 14.27
N ALA C 170 18.74 21.39 13.34
CA ALA C 170 17.92 22.50 12.89
C ALA C 170 18.14 22.78 11.39
N VAL C 171 17.14 23.40 10.81
CA VAL C 171 17.07 23.71 9.39
C VAL C 171 16.98 25.20 9.25
N PHE C 172 17.68 25.77 8.28
CA PHE C 172 17.48 27.15 7.90
C PHE C 172 17.68 27.35 6.37
N THR C 173 17.13 28.45 5.87
CA THR C 173 17.08 28.78 4.47
C THR C 173 17.77 30.14 4.30
N LEU C 174 18.67 30.20 3.35
CA LEU C 174 19.30 31.45 2.97
C LEU C 174 19.00 31.77 1.52
N LEU C 175 18.97 33.05 1.19
CA LEU C 175 18.88 33.48 -0.18
C LEU C 175 20.30 33.73 -0.64
N MLY C 176 20.67 33.18 -1.81
CA MLY C 176 21.99 33.42 -2.38
CB MLY C 176 22.15 32.72 -3.74
CG MLY C 176 23.47 33.02 -4.49
CD MLY C 176 23.46 32.48 -5.96
CE MLY C 176 24.86 32.54 -6.54
NZ MLY C 176 25.06 32.33 -7.99
C MLY C 176 22.20 34.93 -2.53
O MLY C 176 21.34 35.66 -3.04
N ASP C 177 23.37 35.37 -2.09
CA ASP C 177 23.81 36.77 -2.12
C ASP C 177 23.15 37.70 -1.06
N GLU C 178 22.34 37.14 -0.17
CA GLU C 178 21.83 37.91 0.95
C GLU C 178 22.91 37.91 2.05
N GLU C 179 23.11 39.06 2.69
CA GLU C 179 24.08 39.14 3.80
C GLU C 179 23.60 38.27 4.93
N ILE C 180 24.52 37.53 5.53
CA ILE C 180 24.21 36.73 6.72
C ILE C 180 23.99 37.67 7.92
N MLY C 181 22.83 37.53 8.55
CA MLY C 181 22.44 38.33 9.67
CB MLY C 181 21.12 39.01 9.31
CG MLY C 181 20.94 40.41 9.86
CD MLY C 181 20.36 40.38 11.27
C MLY C 181 22.24 37.36 10.85
O MLY C 181 21.58 36.35 10.70
N TYR C 182 22.83 37.69 11.99
CA TYR C 182 22.68 36.92 13.19
C TYR C 182 21.70 37.65 14.12
N PRO C 183 20.98 36.90 14.97
CA PRO C 183 20.93 35.43 14.99
C PRO C 183 20.25 34.82 13.76
N ILE C 184 20.74 33.69 13.30
CA ILE C 184 20.07 32.96 12.25
C ILE C 184 18.87 32.23 12.85
N GLU C 185 17.68 32.47 12.30
CA GLU C 185 16.47 31.80 12.76
C GLU C 185 16.40 30.46 12.07
N ALA C 186 16.23 29.42 12.86
CA ALA C 186 16.29 28.07 12.35
C ALA C 186 15.11 27.30 12.95
N ILE C 187 14.64 26.30 12.22
CA ILE C 187 13.56 25.40 12.62
C ILE C 187 14.19 24.18 13.27
N PRO C 188 13.96 23.99 14.58
CA PRO C 188 14.53 22.85 15.24
C PRO C 188 13.72 21.56 15.00
N LEU C 189 14.45 20.50 14.60
CA LEU C 189 13.89 19.19 14.37
C LEU C 189 14.16 18.28 15.57
N TYR C 190 15.13 18.69 16.38
CA TYR C 190 15.56 17.96 17.52
C TYR C 190 16.09 18.94 18.57
N LEU C 191 15.66 18.75 19.81
CA LEU C 191 16.01 19.64 20.91
C LEU C 191 16.01 18.85 22.20
N GLU C 192 17.16 18.70 22.85
CA GLU C 192 17.23 18.03 24.15
C GLU C 192 18.30 18.66 25.02
N ILE C 193 18.00 18.77 26.30
CA ILE C 193 18.97 19.24 27.27
C ILE C 193 20.09 18.24 27.38
N GLN C 194 21.33 18.71 27.35
CA GLN C 194 22.48 17.87 27.75
C GLN C 194 22.67 17.96 29.28
C GLN C 194 22.67 18.00 29.26
N PHE D 19 12.50 2.89 23.34
CA PHE D 19 11.26 2.42 22.63
C PHE D 19 10.18 3.50 22.69
N ASP D 20 9.58 3.79 21.53
CA ASP D 20 8.54 4.82 21.44
C ASP D 20 7.18 4.18 21.18
N PRO D 21 6.36 4.08 22.23
CA PRO D 21 5.05 3.42 22.07
C PRO D 21 4.05 4.30 21.33
N MLY D 22 4.20 5.62 21.40
CA MLY D 22 3.32 6.54 20.73
CB MLY D 22 3.59 7.97 21.20
CG MLY D 22 2.61 9.04 20.70
CD MLY D 22 2.91 10.44 21.30
CE MLY D 22 2.64 11.57 20.26
NZ MLY D 22 3.00 13.03 20.61
CH1 MLY D 22 1.87 13.72 21.26
CH2 MLY D 22 4.23 13.22 21.42
C MLY D 22 3.48 6.39 19.22
O MLY D 22 2.49 6.17 18.51
N ARG D 23 4.72 6.44 18.76
CA ARG D 23 5.04 6.16 17.36
C ARG D 23 4.59 4.76 16.94
N TYR D 24 4.91 3.76 17.74
CA TYR D 24 4.56 2.38 17.40
C TYR D 24 3.05 2.22 17.23
N ALA D 25 2.29 2.80 18.14
CA ALA D 25 0.83 2.75 18.06
C ALA D 25 0.27 3.46 16.82
N ARG D 26 0.90 4.55 16.39
CA ARG D 26 0.48 5.24 15.15
C ARG D 26 0.68 4.39 13.92
N GLU D 27 1.85 3.75 13.88
CA GLU D 27 2.20 2.89 12.78
C GLU D 27 1.24 1.71 12.70
N LEU D 28 0.91 1.14 13.84
CA LEU D 28 -0.09 0.06 13.90
C LEU D 28 -1.47 0.56 13.42
N TRP D 29 -1.80 1.80 13.74
CA TRP D 29 -3.08 2.41 13.32
C TRP D 29 -3.17 2.61 11.77
N PHE D 30 -2.11 3.14 11.18
CA PHE D 30 -1.97 3.18 9.74
C PHE D 30 -2.12 1.79 9.07
N MLY D 31 -1.47 0.77 9.63
CA MLY D 31 -1.58 -0.62 9.15
CB MLY D 31 -0.61 -1.52 9.94
CG MLY D 31 -0.56 -3.01 9.53
CD MLY D 31 0.49 -3.85 10.31
CE MLY D 31 0.40 -5.35 9.95
C MLY D 31 -3.06 -1.14 9.24
O MLY D 31 -3.59 -1.74 8.31
N LEU D 32 -3.69 -0.83 10.35
CA LEU D 32 -5.07 -1.20 10.61
C LEU D 32 -6.05 -0.49 9.68
N GLN D 33 -5.84 0.80 9.45
CA GLN D 33 -6.66 1.52 8.50
C GLN D 33 -6.56 0.90 7.10
N ASP D 34 -5.38 0.45 6.72
CA ASP D 34 -5.19 -0.22 5.43
C ASP D 34 -5.96 -1.52 5.33
N MSE D 35 -5.96 -2.29 6.40
CA MSE D 35 -6.73 -3.53 6.48
C MSE D 35 -8.24 -3.27 6.38
O MSE D 35 -8.96 -4.01 5.75
CB MSE D 35 -6.48 -4.25 7.81
CG MSE D 35 -5.13 -4.94 7.89
SE MSE D 35 -4.70 -5.37 9.75
CE MSE D 35 -5.99 -6.76 10.14
N MSE D 36 -8.70 -2.22 7.03
CA MSE D 36 -10.09 -1.84 6.96
C MSE D 36 -10.49 -1.47 5.56
O MSE D 36 -11.58 -1.82 5.09
CB MSE D 36 -10.36 -0.66 7.89
CG MSE D 36 -10.18 -0.97 9.33
SE MSE D 36 -10.95 0.42 10.50
CE MSE D 36 -9.67 1.86 10.42
N ASN D 37 -9.63 -0.74 4.87
CA ASN D 37 -9.84 -0.49 3.45
C ASN D 37 -9.89 -1.79 2.62
N GLU D 38 -9.13 -2.80 3.02
N GLU D 38 -9.08 -2.78 3.03
CA GLU D 38 -9.06 -4.08 2.27
CA GLU D 38 -8.99 -4.11 2.38
C GLU D 38 -10.25 -4.98 2.58
C GLU D 38 -10.31 -4.86 2.49
N GLY D 39 -11.01 -4.62 3.60
CA GLY D 39 -12.15 -5.42 4.01
C GLY D 39 -11.71 -6.10 5.28
N LEU D 40 -12.29 -5.71 6.39
CA LEU D 40 -11.95 -6.24 7.69
C LEU D 40 -13.25 -6.24 8.39
N GLY D 41 -13.52 -7.37 9.00
CA GLY D 41 -14.74 -7.57 9.71
C GLY D 41 -15.68 -8.45 8.90
N TYR D 42 -16.37 -9.29 9.63
CA TYR D 42 -17.43 -10.10 9.06
C TYR D 42 -18.72 -9.31 9.14
N ASP D 43 -19.65 -9.67 8.27
CA ASP D 43 -20.97 -9.07 8.27
C ASP D 43 -21.66 -9.16 9.64
N ALA D 44 -21.97 -8.00 10.23
CA ALA D 44 -22.58 -7.92 11.57
C ALA D 44 -23.85 -8.77 11.77
N VAL D 45 -24.81 -8.70 10.82
CA VAL D 45 -26.07 -9.45 10.94
C VAL D 45 -25.79 -10.98 10.95
N GLU D 46 -24.98 -11.48 10.01
CA GLU D 46 -24.61 -12.90 9.99
C GLU D 46 -24.02 -13.34 11.32
N VAL D 47 -23.01 -12.61 11.80
CA VAL D 47 -22.29 -12.96 13.01
C VAL D 47 -23.24 -13.03 14.22
N LEU D 48 -24.03 -11.96 14.41
CA LEU D 48 -25.01 -11.93 15.51
C LEU D 48 -26.10 -13.02 15.41
N ASN D 49 -26.65 -13.24 14.23
CA ASN D 49 -27.59 -14.37 14.00
C ASN D 49 -26.97 -15.72 14.33
N THR D 50 -25.71 -15.93 13.95
CA THR D 50 -25.00 -17.16 14.29
C THR D 50 -24.73 -17.30 15.78
N LEU D 51 -24.39 -16.20 16.46
CA LEU D 51 -24.22 -16.22 17.91
C LEU D 51 -25.53 -16.57 18.62
N ASP D 52 -26.66 -16.13 18.07
CA ASP D 52 -27.97 -16.44 18.65
C ASP D 52 -28.38 -17.90 18.44
N GLU D 53 -28.03 -18.46 17.28
CA GLU D 53 -28.37 -19.85 16.97
C GLU D 53 -27.38 -20.84 17.58
N ASN D 54 -26.09 -20.50 17.55
CA ASN D 54 -25.04 -21.49 17.74
C ASN D 54 -23.70 -20.82 18.10
N PRO D 55 -23.54 -20.40 19.35
CA PRO D 55 -22.37 -19.61 19.79
C PRO D 55 -21.01 -20.27 19.47
N GLU D 56 -20.94 -21.60 19.63
CA GLU D 56 -19.73 -22.36 19.31
C GLU D 56 -19.38 -22.38 17.82
N LEU D 57 -20.40 -22.49 16.98
CA LEU D 57 -20.22 -22.31 15.53
C LEU D 57 -19.77 -20.88 15.20
N ALA D 58 -20.37 -19.87 15.84
CA ALA D 58 -19.89 -18.49 15.68
C ALA D 58 -18.40 -18.35 16.07
N HIS D 59 -18.01 -18.86 17.25
CA HIS D 59 -16.62 -18.75 17.67
C HIS D 59 -15.70 -19.37 16.59
N GLN D 60 -16.05 -20.57 16.16
CA GLN D 60 -15.26 -21.28 15.15
C GLN D 60 -15.19 -20.58 13.78
N MLY D 61 -16.31 -20.01 13.36
CA MLY D 61 -16.45 -19.39 12.04
CB MLY D 61 -17.92 -19.42 11.61
CG MLY D 61 -18.16 -19.78 10.15
CD MLY D 61 -19.66 -19.92 9.84
CE MLY D 61 -19.95 -19.59 8.36
C MLY D 61 -15.89 -17.96 11.97
O MLY D 61 -15.31 -17.56 10.94
N PHE D 62 -16.08 -17.19 13.04
CA PHE D 62 -15.86 -15.75 13.00
C PHE D 62 -14.85 -15.17 14.00
N ALA D 63 -14.45 -15.94 15.01
CA ALA D 63 -13.67 -15.40 16.13
C ALA D 63 -12.20 -15.79 16.07
N MLY D 64 -11.35 -14.93 16.63
CA MLY D 64 -9.96 -15.24 16.85
CB MLY D 64 -9.11 -14.09 16.36
CG MLY D 64 -9.10 -14.05 14.84
CD MLY D 64 -8.12 -13.04 14.35
CE MLY D 64 -8.13 -13.00 12.84
NZ MLY D 64 -7.17 -11.99 12.40
CH1 MLY D 64 -5.82 -12.39 12.90
CH2 MLY D 64 -7.26 -11.85 10.91
C MLY D 64 -9.69 -15.56 18.31
O MLY D 64 -10.43 -15.12 19.20
N VAL D 65 -8.67 -16.38 18.53
CA VAL D 65 -8.23 -16.81 19.86
C VAL D 65 -6.78 -16.35 19.97
N VAL D 66 -6.37 -15.92 21.16
CA VAL D 66 -4.96 -15.52 21.37
C VAL D 66 -4.38 -16.25 22.55
N GLY D 67 -3.14 -16.67 22.38
CA GLY D 67 -2.48 -17.50 23.38
C GLY D 67 -3.47 -18.50 23.96
N VAL D 68 -3.56 -18.47 25.29
CA VAL D 68 -4.32 -19.45 26.05
C VAL D 68 -5.40 -18.76 26.92
N SER D 69 -6.19 -17.90 26.31
CA SER D 69 -7.25 -17.15 27.02
C SER D 69 -8.62 -17.81 26.84
N ASN D 70 -9.57 -17.40 27.69
CA ASN D 70 -10.97 -17.84 27.57
C ASN D 70 -11.80 -16.92 26.74
N TYR D 71 -11.21 -15.80 26.29
CA TYR D 71 -11.93 -14.82 25.48
C TYR D 71 -11.86 -15.16 24.00
N ARG D 72 -12.92 -14.76 23.30
CA ARG D 72 -13.08 -14.92 21.84
C ARG D 72 -13.28 -13.52 21.27
N TYR D 73 -12.49 -13.17 20.26
CA TYR D 73 -12.48 -11.82 19.70
C TYR D 73 -13.14 -11.77 18.34
N TYR D 74 -14.09 -10.85 18.20
CA TYR D 74 -14.86 -10.69 16.97
C TYR D 74 -14.63 -9.33 16.35
N ILE D 75 -14.54 -9.29 15.04
CA ILE D 75 -14.61 -8.04 14.32
C ILE D 75 -15.79 -8.12 13.37
N ILE D 76 -16.68 -7.14 13.47
CA ILE D 76 -17.86 -7.07 12.60
C ILE D 76 -17.93 -5.73 11.88
N GLN D 77 -18.55 -5.75 10.71
CA GLN D 77 -18.78 -4.56 9.93
C GLN D 77 -20.22 -4.56 9.48
N GLY D 78 -20.77 -3.37 9.30
CA GLY D 78 -22.13 -3.25 8.81
C GLY D 78 -22.62 -1.81 8.77
N VAL D 79 -23.93 -1.67 8.61
CA VAL D 79 -24.57 -0.36 8.65
C VAL D 79 -25.64 -0.48 9.70
N GLY D 80 -25.69 0.47 10.62
CA GLY D 80 -26.73 0.47 11.64
C GLY D 80 -27.43 1.82 11.69
N GLU D 81 -28.60 1.84 12.31
CA GLU D 81 -29.33 3.07 12.54
C GLU D 81 -29.13 3.51 13.96
N ILE D 82 -28.83 4.79 14.16
CA ILE D 82 -28.70 5.31 15.51
C ILE D 82 -30.07 5.34 16.18
N VAL D 83 -30.15 4.68 17.34
CA VAL D 83 -31.38 4.61 18.16
C VAL D 83 -31.31 5.62 19.31
N GLU D 84 -30.11 5.82 19.85
CA GLU D 84 -29.86 6.75 20.93
C GLU D 84 -28.42 7.23 20.92
N ILE D 85 -28.24 8.52 21.20
CA ILE D 85 -26.93 9.12 21.35
C ILE D 85 -26.65 9.33 22.83
N MLY D 86 -25.51 8.87 23.31
CA MLY D 86 -25.09 9.06 24.71
CB MLY D 86 -24.80 7.71 25.38
CG MLY D 86 -25.96 6.70 25.46
CD MLY D 86 -25.64 5.72 26.62
CE MLY D 86 -26.51 4.50 26.69
NZ MLY D 86 -26.44 4.01 28.11
C MLY D 86 -23.80 9.88 24.73
O MLY D 86 -23.20 10.13 23.69
N ASP D 87 -23.36 10.29 25.92
CA ASP D 87 -22.08 11.03 26.09
C ASP D 87 -20.88 10.21 25.65
N ASP D 88 -21.00 8.90 25.81
CA ASP D 88 -19.88 7.98 25.64
C ASP D 88 -20.10 6.98 24.50
N GLY D 89 -21.10 7.21 23.64
CA GLY D 89 -21.31 6.33 22.50
C GLY D 89 -22.65 6.49 21.83
N ILE D 90 -22.95 5.55 20.93
CA ILE D 90 -24.24 5.45 20.27
C ILE D 90 -24.79 4.01 20.35
N LEU D 91 -26.10 3.92 20.56
CA LEU D 91 -26.80 2.66 20.50
C LEU D 91 -27.35 2.56 19.09
N VAL D 92 -27.16 1.39 18.48
CA VAL D 92 -27.38 1.21 17.07
C VAL D 92 -28.13 -0.10 16.84
N MLY D 93 -29.13 -0.07 15.97
CA MLY D 93 -29.84 -1.26 15.59
CB MLY D 93 -31.35 -1.02 15.63
CG MLY D 93 -32.02 -0.86 14.28
CD MLY D 93 -33.47 -0.52 14.44
CE MLY D 93 -34.04 0.08 13.17
NZ MLY D 93 -35.39 0.67 13.40
CH1 MLY D 93 -36.02 1.07 12.10
CH2 MLY D 93 -36.21 -0.32 14.12
C MLY D 93 -29.31 -1.72 14.22
O MLY D 93 -29.08 -0.91 13.31
N VAL D 94 -29.08 -3.02 14.12
CA VAL D 94 -28.67 -3.69 12.90
C VAL D 94 -29.74 -4.64 12.41
N ARG D 95 -30.65 -5.02 13.28
CA ARG D 95 -31.73 -5.93 12.94
C ARG D 95 -33.07 -5.35 13.40
N GLU D 96 -34.14 -5.79 12.74
CA GLU D 96 -35.52 -5.38 13.11
C GLU D 96 -36.08 -6.27 14.20
N ASN D 97 -37.19 -5.87 14.80
CA ASN D 97 -37.98 -6.66 15.76
C ASN D 97 -37.16 -7.11 17.00
N ARG D 98 -36.13 -6.38 17.38
CA ARG D 98 -35.37 -6.71 18.60
C ARG D 98 -35.85 -5.85 19.77
N MLY D 99 -35.68 -6.38 20.99
CA MLY D 99 -36.19 -5.79 22.22
CB MLY D 99 -36.15 -6.84 23.35
CG MLY D 99 -37.11 -6.59 24.50
CD MLY D 99 -36.54 -7.04 25.86
C MLY D 99 -35.37 -4.55 22.60
O MLY D 99 -35.90 -3.53 23.03
N VAL D 100 -34.06 -4.68 22.42
CA VAL D 100 -33.09 -3.61 22.69
C VAL D 100 -32.17 -3.49 21.49
N PRO D 101 -31.44 -2.36 21.39
CA PRO D 101 -30.48 -2.25 20.27
C PRO D 101 -29.41 -3.33 20.26
N ASP D 102 -28.92 -3.63 19.08
CA ASP D 102 -27.96 -4.71 18.92
C ASP D 102 -26.61 -4.34 19.49
N LEU D 103 -26.18 -3.10 19.26
CA LEU D 103 -24.82 -2.66 19.57
C LEU D 103 -24.81 -1.36 20.36
N PHE D 104 -23.89 -1.29 21.32
CA PHE D 104 -23.48 -0.03 21.93
C PHE D 104 -22.05 0.27 21.51
N LEU D 105 -21.89 1.18 20.57
CA LEU D 105 -20.58 1.56 20.07
C LEU D 105 -20.05 2.71 20.96
N SER D 106 -19.10 2.37 21.83
CA SER D 106 -18.66 3.31 22.87
C SER D 106 -17.18 3.66 22.84
N ASN D 107 -16.86 4.66 23.65
CA ASN D 107 -15.48 5.10 23.88
C ASN D 107 -14.78 4.41 25.07
N HIS D 108 -15.42 3.38 25.63
CA HIS D 108 -14.89 2.59 26.73
C HIS D 108 -13.89 1.61 26.14
N ILE D 109 -12.66 2.09 25.91
CA ILE D 109 -11.62 1.35 25.18
C ILE D 109 -10.39 1.26 26.08
N PHE D 110 -10.20 0.08 26.67
CA PHE D 110 -9.10 -0.24 27.62
C PHE D 110 -8.64 -1.64 27.27
N GLY D 111 -7.37 -1.96 27.53
CA GLY D 111 -6.87 -3.33 27.31
C GLY D 111 -6.41 -3.67 25.91
N ASN D 112 -6.50 -4.97 25.57
CA ASN D 112 -5.83 -5.58 24.42
C ASN D 112 -6.79 -6.14 23.38
N GLY D 113 -8.08 -5.83 23.53
CA GLY D 113 -9.11 -6.23 22.58
C GLY D 113 -8.85 -5.85 21.13
N ILE D 114 -8.30 -4.66 20.89
CA ILE D 114 -8.04 -4.22 19.52
C ILE D 114 -6.90 -5.02 18.90
N VAL D 115 -5.78 -5.12 19.62
CA VAL D 115 -4.63 -5.85 19.06
C VAL D 115 -4.93 -7.34 18.95
N ASN D 116 -5.69 -7.88 19.90
CA ASN D 116 -5.99 -9.30 19.92
C ASN D 116 -7.00 -9.69 18.86
N ALA D 117 -8.03 -8.86 18.67
CA ALA D 117 -9.07 -9.11 17.65
C ALA D 117 -8.52 -9.02 16.24
N THR D 118 -7.67 -8.04 16.02
CA THR D 118 -7.21 -7.71 14.68
C THR D 118 -5.91 -8.46 14.30
N GLY D 119 -5.13 -8.84 15.32
CA GLY D 119 -3.84 -9.45 15.13
C GLY D 119 -2.73 -8.48 14.71
N ILE D 120 -2.96 -7.17 14.82
CA ILE D 120 -2.00 -6.21 14.30
C ILE D 120 -0.70 -6.14 15.12
N ALA D 121 -0.79 -6.50 16.40
CA ALA D 121 0.41 -6.61 17.24
C ALA D 121 0.26 -7.79 18.17
N MLY D 122 1.38 -8.45 18.46
CA MLY D 122 1.43 -9.55 19.39
CB MLY D 122 1.64 -10.88 18.66
CG MLY D 122 1.04 -10.95 17.24
C MLY D 122 2.58 -9.32 20.35
O MLY D 122 3.56 -8.63 20.02
N MSE D 123 2.49 -9.91 21.53
CA MSE D 123 3.51 -9.79 22.57
C MSE D 123 4.92 -10.13 22.05
O MSE D 123 5.90 -9.50 22.45
CB MSE D 123 3.21 -10.75 23.71
CG MSE D 123 3.39 -10.16 25.08
SE MSE D 123 1.92 -10.89 26.12
CE MSE D 123 0.41 -9.81 25.46
N GLU D 124 4.98 -11.12 21.15
CA GLU D 124 6.24 -11.58 20.54
C GLU D 124 6.98 -10.49 19.79
N ASP D 125 6.23 -9.49 19.31
CA ASP D 125 6.78 -8.38 18.54
C ASP D 125 7.62 -7.41 19.39
N PHE D 126 7.57 -7.55 20.72
CA PHE D 126 8.18 -6.58 21.65
C PHE D 126 9.28 -7.23 22.52
N ASP D 127 10.30 -6.45 22.85
CA ASP D 127 11.36 -6.97 23.73
C ASP D 127 10.92 -6.94 25.21
N ARG D 128 10.01 -6.04 25.60
CA ARG D 128 9.52 -5.97 26.97
C ARG D 128 8.00 -5.96 27.02
N ILE D 129 7.45 -6.51 28.08
CA ILE D 129 5.99 -6.54 28.26
C ILE D 129 5.43 -5.12 28.40
N ILE D 130 6.18 -4.23 29.04
CA ILE D 130 5.77 -2.85 29.22
C ILE D 130 5.64 -2.10 27.87
N ASP D 131 6.49 -2.47 26.91
CA ASP D 131 6.39 -1.93 25.56
C ASP D 131 5.07 -2.31 24.89
N PHE D 132 4.67 -3.57 25.03
CA PHE D 132 3.40 -4.04 24.53
C PHE D 132 2.24 -3.25 25.15
N ASN D 133 2.23 -3.18 26.47
CA ASN D 133 1.17 -2.53 27.23
C ASN D 133 1.04 -1.05 26.93
N LEU D 134 2.16 -0.34 26.91
CA LEU D 134 2.14 1.09 26.59
C LEU D 134 1.67 1.36 25.15
N THR D 135 2.05 0.49 24.22
CA THR D 135 1.59 0.55 22.82
C THR D 135 0.07 0.33 22.70
N ALA D 136 -0.42 -0.71 23.35
CA ALA D 136 -1.86 -0.96 23.39
C ALA D 136 -2.62 0.25 23.96
N THR D 137 -2.16 0.78 25.07
CA THR D 137 -2.77 2.01 25.62
C THR D 137 -2.77 3.17 24.60
N GLU D 138 -1.66 3.36 23.90
CA GLU D 138 -1.58 4.46 22.90
C GLU D 138 -2.47 4.24 21.66
N LEU D 139 -2.62 3.00 21.21
CA LEU D 139 -3.56 2.72 20.15
C LEU D 139 -5.02 2.97 20.59
N ASN D 140 -5.36 2.55 21.80
CA ASN D 140 -6.68 2.79 22.36
C ASN D 140 -7.02 4.28 22.43
N MLY D 141 -6.04 5.08 22.84
CA MLY D 141 -6.17 6.53 22.86
CB MLY D 141 -4.86 7.16 23.38
CG MLY D 141 -4.87 8.67 23.46
CD MLY D 141 -3.58 9.20 24.09
CE MLY D 141 -3.23 10.63 23.61
NZ MLY D 141 -3.99 11.74 24.29
C MLY D 141 -6.51 7.10 21.47
O MLY D 141 -7.38 7.96 21.32
N ILE D 142 -5.83 6.59 20.42
CA ILE D 142 -6.05 7.06 19.06
C ILE D 142 -7.49 6.77 18.67
N VAL D 143 -7.95 5.54 18.91
CA VAL D 143 -9.30 5.16 18.54
C VAL D 143 -10.34 5.93 19.34
N MLY D 144 -10.13 6.06 20.66
CA MLY D 144 -11.02 6.84 21.53
CB MLY D 144 -10.42 6.94 22.93
CG MLY D 144 -11.28 6.40 24.03
CD MLY D 144 -10.69 6.76 25.39
CE MLY D 144 -9.45 5.93 25.75
NZ MLY D 144 -9.05 6.20 27.22
C MLY D 144 -11.22 8.24 21.01
O MLY D 144 -12.32 8.71 20.84
N GLU D 145 -10.11 8.90 20.74
CA GLU D 145 -10.12 10.31 20.37
C GLU D 145 -10.48 10.56 18.91
N GLU D 146 -9.85 9.81 18.02
CA GLU D 146 -9.89 10.14 16.61
C GLU D 146 -10.91 9.33 15.83
N VAL D 147 -11.51 8.32 16.47
CA VAL D 147 -12.67 7.66 15.89
C VAL D 147 -13.95 7.98 16.67
N VAL D 148 -14.00 7.64 17.95
CA VAL D 148 -15.26 7.70 18.70
C VAL D 148 -15.60 9.13 19.08
N ASN D 149 -14.74 9.78 19.87
CA ASN D 149 -15.05 11.11 20.40
C ASN D 149 -15.22 12.16 19.29
N SER D 150 -14.39 12.04 18.27
CA SER D 150 -14.48 12.90 17.08
C SER D 150 -15.84 12.76 16.38
N PHE D 151 -16.33 11.53 16.28
CA PHE D 151 -17.63 11.22 15.68
C PHE D 151 -18.80 11.75 16.53
N LEU D 152 -18.71 11.60 17.84
CA LEU D 152 -19.73 12.14 18.75
C LEU D 152 -19.79 13.66 18.65
N MLY D 153 -18.62 14.28 18.45
CA MLY D 153 -18.53 15.72 18.31
CB MLY D 153 -17.08 16.19 18.39
CG MLY D 153 -16.94 17.67 18.78
CD MLY D 153 -15.58 18.25 18.37
CE MLY D 153 -15.58 19.77 18.38
NZ MLY D 153 -14.35 20.33 17.73
C MLY D 153 -19.19 16.15 17.00
O MLY D 153 -19.93 17.12 16.99
N GLN D 154 -18.95 15.45 15.91
CA GLN D 154 -19.56 15.82 14.64
C GLN D 154 -21.08 15.61 14.65
N LEU D 155 -21.57 14.62 15.40
CA LEU D 155 -23.02 14.49 15.59
C LEU D 155 -23.61 15.72 16.25
N SER D 156 -22.91 16.29 17.24
CA SER D 156 -23.37 17.53 17.93
C SER D 156 -23.46 18.70 17.01
N MLY D 157 -22.57 18.74 16.03
CA MLY D 157 -22.47 19.85 15.10
CB MLY D 157 -21.01 20.00 14.66
CG MLY D 157 -20.02 20.14 15.83
C MLY D 157 -23.39 19.65 13.88
O MLY D 157 -23.34 20.43 12.94
N GLY D 158 -24.24 18.62 13.90
CA GLY D 158 -25.30 18.46 12.91
C GLY D 158 -25.05 17.41 11.84
N ALA D 159 -24.01 16.58 12.01
CA ALA D 159 -23.67 15.53 11.02
C ALA D 159 -24.72 14.43 10.93
N GLY D 160 -25.42 14.16 12.04
CA GLY D 160 -26.44 13.14 12.11
C GLY D 160 -27.18 13.22 13.43
N SER D 161 -28.16 12.34 13.59
CA SER D 161 -28.96 12.27 14.82
C SER D 161 -29.62 10.90 14.94
N VAL D 162 -30.47 10.73 15.96
CA VAL D 162 -31.23 9.49 16.11
C VAL D 162 -31.96 9.26 14.81
N GLY D 163 -31.90 8.04 14.29
CA GLY D 163 -32.51 7.74 13.00
C GLY D 163 -31.54 7.75 11.82
N SER D 164 -30.37 8.35 11.96
CA SER D 164 -29.41 8.36 10.85
C SER D 164 -28.70 7.01 10.75
N LEU D 165 -28.20 6.69 9.56
CA LEU D 165 -27.49 5.45 9.32
C LEU D 165 -25.99 5.67 9.48
N VAL D 166 -25.32 4.69 10.07
CA VAL D 166 -23.88 4.77 10.31
C VAL D 166 -23.20 3.47 9.86
N ARG D 167 -22.22 3.60 8.95
CA ARG D 167 -21.34 2.51 8.61
C ARG D 167 -20.34 2.36 9.74
N PHE D 168 -20.09 1.11 10.17
CA PHE D 168 -19.14 0.85 11.24
C PHE D 168 -18.29 -0.40 10.98
N ILE D 169 -17.11 -0.41 11.59
CA ILE D 169 -16.31 -1.60 11.81
C ILE D 169 -16.02 -1.57 13.30
N ALA D 170 -16.31 -2.66 13.99
CA ALA D 170 -16.19 -2.71 15.45
C ALA D 170 -15.71 -4.06 15.95
N VAL D 171 -15.11 -4.03 17.12
CA VAL D 171 -14.56 -5.21 17.79
C VAL D 171 -15.26 -5.47 19.12
N PHE D 172 -15.48 -6.74 19.41
CA PHE D 172 -15.97 -7.10 20.73
C PHE D 172 -15.41 -8.46 21.16
N THR D 173 -15.42 -8.66 22.46
CA THR D 173 -14.81 -9.80 23.11
C THR D 173 -15.92 -10.55 23.79
N LEU D 174 -15.96 -11.86 23.61
CA LEU D 174 -16.85 -12.71 24.37
C LEU D 174 -16.02 -13.69 25.15
N LEU D 175 -16.56 -14.10 26.30
CA LEU D 175 -16.00 -15.18 27.09
C LEU D 175 -16.73 -16.45 26.64
N MLY D 176 -15.97 -17.51 26.37
CA MLY D 176 -16.54 -18.77 25.96
CB MLY D 176 -15.41 -19.79 25.67
CG MLY D 176 -14.82 -20.49 26.90
CD MLY D 176 -13.75 -21.53 26.54
CE MLY D 176 -13.86 -22.78 27.41
NZ MLY D 176 -12.58 -23.51 27.65
C MLY D 176 -17.50 -19.26 27.06
O MLY D 176 -17.16 -19.29 28.25
N ASP D 177 -18.72 -19.61 26.65
CA ASP D 177 -19.77 -20.08 27.56
C ASP D 177 -20.57 -18.96 28.27
N GLU D 178 -20.23 -17.68 28.07
CA GLU D 178 -21.03 -16.60 28.67
C GLU D 178 -22.28 -16.42 27.82
N GLU D 179 -23.41 -16.15 28.47
CA GLU D 179 -24.65 -15.86 27.73
C GLU D 179 -24.49 -14.52 27.01
N ILE D 180 -24.88 -14.48 25.73
CA ILE D 180 -24.85 -13.19 24.99
C ILE D 180 -25.93 -12.28 25.57
N MLY D 181 -25.52 -11.07 25.93
CA MLY D 181 -26.42 -10.04 26.46
CB MLY D 181 -25.97 -9.52 27.84
CG MLY D 181 -26.76 -10.11 29.02
CD MLY D 181 -26.96 -9.09 30.16
CE MLY D 181 -27.67 -7.83 29.70
C MLY D 181 -26.39 -8.89 25.49
O MLY D 181 -25.34 -8.50 25.05
N TYR D 182 -27.57 -8.36 25.17
CA TYR D 182 -27.67 -7.20 24.32
C TYR D 182 -28.02 -5.98 25.18
N PRO D 183 -27.61 -4.78 24.75
CA PRO D 183 -26.72 -4.51 23.62
C PRO D 183 -25.29 -5.01 23.83
N ILE D 184 -24.66 -5.47 22.75
CA ILE D 184 -23.25 -5.81 22.80
C ILE D 184 -22.46 -4.50 22.76
N GLU D 185 -21.58 -4.31 23.75
CA GLU D 185 -20.68 -3.19 23.78
C GLU D 185 -19.47 -3.53 22.90
N ALA D 186 -19.22 -2.67 21.92
CA ALA D 186 -18.18 -2.88 20.90
C ALA D 186 -17.32 -1.64 20.81
N ILE D 187 -16.07 -1.84 20.44
CA ILE D 187 -15.11 -0.76 20.17
C ILE D 187 -15.20 -0.44 18.68
N PRO D 188 -15.61 0.79 18.31
CA PRO D 188 -15.60 1.12 16.91
C PRO D 188 -14.21 1.54 16.38
N LEU D 189 -13.79 0.90 15.30
CA LEU D 189 -12.57 1.20 14.58
C LEU D 189 -12.87 2.12 13.41
N TYR D 190 -14.14 2.18 13.00
CA TYR D 190 -14.58 2.97 11.87
C TYR D 190 -16.03 3.38 12.12
N LEU D 191 -16.33 4.67 11.95
CA LEU D 191 -17.68 5.23 12.13
C LEU D 191 -17.90 6.34 11.15
N GLU D 192 -18.88 6.22 10.25
CA GLU D 192 -19.23 7.34 9.37
C GLU D 192 -20.72 7.29 9.05
N ILE D 193 -21.34 8.46 8.98
CA ILE D 193 -22.71 8.58 8.55
C ILE D 193 -22.83 8.19 7.08
N GLN D 194 -23.84 7.38 6.79
CA GLN D 194 -24.24 7.09 5.42
C GLN D 194 -25.16 8.21 5.01
CL CL E . 17.83 -6.91 -21.26
CL CL F . -10.82 12.41 -15.88
CL CL G . -7.19 -32.73 -18.17
MG MG H . 9.28 31.10 33.71
#